data_2NTQ
#
_entry.id   2NTQ
#
_cell.length_a   51.193
_cell.length_b   85.018
_cell.length_c   97.514
_cell.angle_alpha   90.00
_cell.angle_beta   93.43
_cell.angle_gamma   90.00
#
_symmetry.space_group_name_H-M   'P 1 21 1'
#
loop_
_entity.id
_entity.type
_entity.pdbx_description
1 polymer 'Pectinesterase A'
2 branched 'methyl alpha-D-galactopyranuronate-(1-4)-methyl alpha-D-galactopyranuronate-(1-4)-alpha-D-galactopyranuronic acid-(1-4)-alpha-D-galactopyranuronic acid-(1-4)-alpha-D-galactopyranuronic acid-(1-4)-alpha-D-galactopyranuronic acid'
3 water water
#
_entity_poly.entity_id   1
_entity_poly.type   'polypeptide(L)'
_entity_poly.pdbx_seq_one_letter_code
;ATTYNAVVSKSSSDGKTFKTIADAIASAPAGSTPFVILIKNGVYNERLTITRNNLHLKGESRNGAVIAAATAAGTLKSDG
SKWGTAGSSTITISAKDFSAQSLTIRNDFDFPANQAKSDSDSSKIKDTQAVALYVTKSGDRAYFKDVSLVGYQDTLYVSG
GRSFFSDCRISGTVDFIFGDGTALFNNCDLVSRYRADVKSGNVSGYLTAPSTNINQKYGLVITNSRVIRESDSVPAKSYG
LGRPWHPTTTFSDGRYADPNAIGQTVFLNTSMDNHIYGWDKMSGKDKNGNTIWFNPEDSRFFEYKSYGAGATVSKDRRQL
TDAQAAEYTQSKVLGDWTPTLP
;
_entity_poly.pdbx_strand_id   A,B
#
loop_
_chem_comp.id
_chem_comp.type
_chem_comp.name
_chem_comp.formula
ADA D-saccharide, alpha linking 'alpha-D-galactopyranuronic acid' 'C6 H10 O7'
M8C D-saccharide, alpha linking 'methyl alpha-D-galactopyranuronate' 'C7 H12 O7'
#
# COMPACT_ATOMS: atom_id res chain seq x y z
N ALA A 1 -12.52 -26.92 -26.16
CA ALA A 1 -13.32 -28.17 -26.04
C ALA A 1 -14.04 -28.25 -24.70
N THR A 2 -15.31 -27.84 -24.70
CA THR A 2 -16.15 -27.87 -23.50
C THR A 2 -17.51 -28.51 -23.79
N THR A 3 -17.85 -29.53 -23.00
CA THR A 3 -19.11 -30.27 -23.13
C THR A 3 -19.71 -30.58 -21.77
N TYR A 4 -21.04 -30.66 -21.68
CA TYR A 4 -21.72 -30.88 -20.40
C TYR A 4 -22.39 -32.26 -20.32
N ASN A 5 -22.15 -32.94 -19.20
CA ASN A 5 -22.79 -34.21 -18.90
C ASN A 5 -24.26 -34.07 -18.54
N ALA A 6 -24.61 -32.91 -17.97
CA ALA A 6 -25.98 -32.62 -17.55
C ALA A 6 -26.23 -31.11 -17.56
N VAL A 7 -27.46 -30.70 -17.79
CA VAL A 7 -27.85 -29.29 -17.76
C VAL A 7 -29.03 -29.11 -16.81
N VAL A 8 -28.94 -28.10 -15.95
CA VAL A 8 -30.03 -27.73 -15.03
C VAL A 8 -30.68 -26.45 -15.53
N SER A 9 -32.01 -26.42 -15.52
CA SER A 9 -32.75 -25.27 -16.01
C SER A 9 -34.08 -25.09 -15.29
N LYS A 10 -34.52 -23.83 -15.18
CA LYS A 10 -35.85 -23.50 -14.65
C LYS A 10 -36.94 -23.69 -15.71
N SER A 11 -36.52 -23.78 -16.98
CA SER A 11 -37.44 -23.91 -18.10
C SER A 11 -37.59 -25.35 -18.55
N SER A 12 -38.83 -25.78 -18.77
CA SER A 12 -39.12 -27.07 -19.37
C SER A 12 -38.90 -27.00 -20.88
N SER A 13 -39.08 -25.80 -21.43
CA SER A 13 -38.86 -25.51 -22.84
C SER A 13 -37.38 -25.48 -23.23
N ASP A 14 -36.51 -25.57 -22.21
CA ASP A 14 -35.06 -25.55 -22.42
C ASP A 14 -34.57 -26.82 -23.13
N GLY A 15 -35.30 -27.91 -22.94
CA GLY A 15 -34.99 -29.18 -23.59
C GLY A 15 -34.83 -30.33 -22.61
N LYS A 16 -33.77 -31.11 -22.81
CA LYS A 16 -33.46 -32.27 -21.98
C LYS A 16 -32.70 -31.89 -20.70
N THR A 17 -33.38 -31.21 -19.79
CA THR A 17 -32.74 -30.61 -18.62
C THR A 17 -33.28 -31.14 -17.28
N PHE A 18 -32.47 -31.04 -16.24
CA PHE A 18 -32.88 -31.36 -14.87
C PHE A 18 -33.51 -30.12 -14.23
N LYS A 19 -34.49 -30.35 -13.36
CA LYS A 19 -35.16 -29.25 -12.67
C LYS A 19 -34.38 -28.76 -11.45
N THR A 20 -33.69 -29.68 -10.77
CA THR A 20 -32.87 -29.33 -9.62
C THR A 20 -31.40 -29.72 -9.80
N ILE A 21 -30.51 -28.98 -9.14
CA ILE A 21 -29.08 -29.28 -9.17
C ILE A 21 -28.79 -30.62 -8.48
N ALA A 22 -29.47 -30.87 -7.36
CA ALA A 22 -29.35 -32.15 -6.65
C ALA A 22 -29.64 -33.36 -7.56
N ASP A 23 -30.70 -33.25 -8.36
CA ASP A 23 -31.05 -34.29 -9.34
C ASP A 23 -29.93 -34.52 -10.37
N ALA A 24 -29.39 -33.43 -10.93
CA ALA A 24 -28.31 -33.51 -11.90
C ALA A 24 -27.06 -34.19 -11.32
N ILE A 25 -26.70 -33.81 -10.09
CA ILE A 25 -25.54 -34.39 -9.40
C ILE A 25 -25.74 -35.88 -9.13
N ALA A 26 -26.95 -36.23 -8.69
CA ALA A 26 -27.30 -37.62 -8.41
C ALA A 26 -27.26 -38.53 -9.64
N SER A 27 -27.52 -37.95 -10.82
CA SER A 27 -27.56 -38.69 -12.09
C SER A 27 -26.17 -39.16 -12.55
N ALA A 28 -25.12 -38.61 -11.95
CA ALA A 28 -23.74 -38.95 -12.32
C ALA A 28 -23.45 -40.42 -12.03
N PRO A 29 -22.78 -41.11 -12.98
CA PRO A 29 -22.40 -42.50 -12.74
C PRO A 29 -21.46 -42.59 -11.54
N ALA A 30 -21.55 -43.68 -10.79
CA ALA A 30 -20.63 -43.93 -9.68
C ALA A 30 -19.19 -43.97 -10.22
N GLY A 31 -18.27 -43.37 -9.48
CA GLY A 31 -16.87 -43.35 -9.88
C GLY A 31 -16.22 -41.99 -9.80
N SER A 32 -15.21 -41.78 -10.63
CA SER A 32 -14.36 -40.59 -10.53
C SER A 32 -13.95 -39.99 -11.87
N THR A 33 -14.62 -40.42 -12.94
CA THR A 33 -14.54 -39.73 -14.23
C THR A 33 -15.14 -38.34 -14.05
N PRO A 34 -14.62 -37.34 -14.80
CA PRO A 34 -15.16 -35.99 -14.68
C PRO A 34 -16.65 -35.91 -15.02
N PHE A 35 -17.40 -35.18 -14.20
CA PHE A 35 -18.81 -34.94 -14.46
C PHE A 35 -19.07 -33.45 -14.35
N VAL A 36 -19.53 -32.84 -15.45
CA VAL A 36 -19.66 -31.39 -15.57
C VAL A 36 -21.13 -31.03 -15.78
N ILE A 37 -21.63 -30.14 -14.93
CA ILE A 37 -23.03 -29.74 -14.95
C ILE A 37 -23.16 -28.24 -15.24
N LEU A 38 -23.89 -27.90 -16.29
CA LEU A 38 -24.22 -26.51 -16.58
C LEU A 38 -25.48 -26.15 -15.82
N ILE A 39 -25.44 -25.02 -15.12
CA ILE A 39 -26.60 -24.51 -14.38
C ILE A 39 -27.06 -23.19 -15.00
N LYS A 40 -28.19 -23.22 -15.70
CA LYS A 40 -28.76 -22.03 -16.32
C LYS A 40 -29.24 -21.05 -15.25
N ASN A 41 -29.31 -19.76 -15.61
CA ASN A 41 -29.75 -18.70 -14.70
C ASN A 41 -31.02 -19.04 -13.95
N GLY A 42 -31.05 -18.67 -12.67
CA GLY A 42 -32.19 -18.94 -11.80
C GLY A 42 -31.72 -19.04 -10.36
N VAL A 43 -32.66 -18.94 -9.42
CA VAL A 43 -32.37 -19.15 -8.01
C VAL A 43 -32.83 -20.55 -7.64
N TYR A 44 -31.89 -21.39 -7.23
CA TYR A 44 -32.17 -22.76 -6.86
C TYR A 44 -32.11 -22.88 -5.36
N ASN A 45 -33.29 -23.02 -4.74
CA ASN A 45 -33.41 -23.15 -3.29
C ASN A 45 -33.12 -24.58 -2.87
N GLU A 46 -31.84 -24.87 -2.72
CA GLU A 46 -31.35 -26.22 -2.47
C GLU A 46 -30.18 -26.20 -1.51
N ARG A 47 -30.05 -27.28 -0.75
CA ARG A 47 -28.86 -27.54 0.03
C ARG A 47 -28.19 -28.78 -0.55
N LEU A 48 -26.89 -28.70 -0.77
CA LEU A 48 -26.14 -29.77 -1.44
C LEU A 48 -24.99 -30.30 -0.62
N THR A 49 -24.79 -31.61 -0.66
CA THR A 49 -23.59 -32.24 -0.11
C THR A 49 -22.92 -33.04 -1.21
N ILE A 50 -21.70 -32.64 -1.56
CA ILE A 50 -20.95 -33.23 -2.66
C ILE A 50 -20.04 -34.33 -2.13
N THR A 51 -20.30 -35.57 -2.56
CA THR A 51 -19.51 -36.72 -2.12
C THR A 51 -18.85 -37.46 -3.29
N ARG A 52 -19.14 -37.01 -4.51
CA ARG A 52 -18.53 -37.61 -5.68
C ARG A 52 -17.31 -36.80 -6.10
N ASN A 53 -16.18 -37.50 -6.21
CA ASN A 53 -14.94 -36.90 -6.72
C ASN A 53 -15.07 -36.44 -8.16
N ASN A 54 -14.31 -35.40 -8.51
CA ASN A 54 -14.20 -34.93 -9.90
C ASN A 54 -15.55 -34.41 -10.45
N LEU A 55 -16.32 -33.77 -9.58
CA LEU A 55 -17.58 -33.11 -9.96
C LEU A 55 -17.34 -31.62 -10.19
N HIS A 56 -17.99 -31.08 -11.22
CA HIS A 56 -17.79 -29.69 -11.64
C HIS A 56 -19.10 -29.00 -12.01
N LEU A 57 -19.38 -27.88 -11.35
CA LEU A 57 -20.55 -27.06 -11.62
C LEU A 57 -20.14 -25.80 -12.35
N LYS A 58 -20.91 -25.43 -13.37
CA LYS A 58 -20.69 -24.20 -14.10
C LYS A 58 -22.00 -23.44 -14.27
N GLY A 59 -22.09 -22.28 -13.65
CA GLY A 59 -23.28 -21.44 -13.80
C GLY A 59 -23.26 -20.66 -15.09
N GLU A 60 -24.43 -20.32 -15.60
CA GLU A 60 -24.56 -19.47 -16.79
C GLU A 60 -23.90 -18.10 -16.56
N SER A 61 -24.03 -17.58 -15.35
CA SER A 61 -23.40 -16.31 -14.95
C SER A 61 -23.36 -16.23 -13.44
N ARG A 62 -22.32 -15.60 -12.90
CA ARG A 62 -22.24 -15.35 -11.46
C ARG A 62 -23.44 -14.54 -10.97
N ASN A 63 -23.82 -13.50 -11.73
CA ASN A 63 -24.94 -12.65 -11.33
C ASN A 63 -26.28 -13.39 -11.25
N GLY A 64 -26.46 -14.37 -12.14
CA GLY A 64 -27.77 -14.96 -12.39
C GLY A 64 -28.02 -16.40 -11.96
N ALA A 65 -26.95 -17.17 -11.79
CA ALA A 65 -27.09 -18.56 -11.34
C ALA A 65 -26.77 -18.64 -9.85
N VAL A 66 -27.81 -18.86 -9.05
CA VAL A 66 -27.72 -18.77 -7.58
C VAL A 66 -28.18 -20.06 -6.92
N ILE A 67 -27.38 -20.56 -5.98
CA ILE A 67 -27.75 -21.67 -5.12
C ILE A 67 -27.87 -21.10 -3.73
N ALA A 68 -29.06 -21.21 -3.14
CA ALA A 68 -29.37 -20.51 -1.90
C ALA A 68 -30.29 -21.31 -0.97
N ALA A 69 -30.01 -21.21 0.32
CA ALA A 69 -30.90 -21.73 1.36
C ALA A 69 -30.67 -20.97 2.65
N ALA A 70 -31.70 -20.91 3.51
CA ALA A 70 -31.61 -20.21 4.79
C ALA A 70 -31.53 -21.19 5.94
N THR A 71 -30.36 -21.27 6.56
CA THR A 71 -30.13 -22.15 7.71
C THR A 71 -29.09 -21.55 8.65
N ALA A 72 -29.47 -21.30 9.89
CA ALA A 72 -28.51 -20.90 10.94
C ALA A 72 -28.11 -22.12 11.77
N ALA A 73 -26.99 -22.00 12.48
CA ALA A 73 -26.57 -23.05 13.42
C ALA A 73 -27.68 -23.34 14.43
N GLY A 74 -28.39 -22.30 14.86
CA GLY A 74 -29.48 -22.43 15.84
C GLY A 74 -30.84 -22.80 15.26
N THR A 75 -30.92 -22.96 13.94
CA THR A 75 -32.16 -23.45 13.30
C THR A 75 -32.39 -24.88 13.76
N LEU A 76 -33.62 -25.19 14.12
CA LEU A 76 -33.94 -26.51 14.68
C LEU A 76 -34.36 -27.52 13.61
N LYS A 77 -33.85 -28.74 13.72
CA LYS A 77 -34.23 -29.85 12.86
C LYS A 77 -35.61 -30.39 13.29
N SER A 78 -36.07 -31.44 12.61
CA SER A 78 -37.33 -32.11 12.93
C SER A 78 -37.33 -32.70 14.34
N ASP A 79 -36.22 -33.30 14.74
CA ASP A 79 -36.07 -33.88 16.08
C ASP A 79 -35.88 -32.83 17.18
N GLY A 80 -35.83 -31.56 16.79
CA GLY A 80 -35.70 -30.46 17.74
C GLY A 80 -34.28 -30.09 18.11
N SER A 81 -33.31 -30.76 17.50
CA SER A 81 -31.90 -30.44 17.71
C SER A 81 -31.42 -29.39 16.71
N LYS A 82 -30.37 -28.67 17.08
CA LYS A 82 -29.82 -27.61 16.22
C LYS A 82 -29.00 -28.19 15.08
N TRP A 83 -28.98 -27.49 13.95
CA TRP A 83 -28.15 -27.86 12.82
C TRP A 83 -26.66 -27.76 13.16
N GLY A 84 -26.30 -26.72 13.90
CA GLY A 84 -24.91 -26.44 14.24
C GLY A 84 -24.23 -25.75 13.08
N THR A 85 -23.02 -25.23 13.32
CA THR A 85 -22.32 -24.44 12.31
C THR A 85 -22.01 -25.24 11.03
N ALA A 86 -21.33 -26.37 11.19
CA ALA A 86 -21.05 -27.26 10.06
C ALA A 86 -22.35 -27.63 9.35
N GLY A 87 -23.36 -28.00 10.12
CA GLY A 87 -24.65 -28.42 9.59
C GLY A 87 -25.49 -27.35 8.90
N SER A 88 -25.14 -26.08 9.10
CA SER A 88 -25.89 -24.96 8.53
C SER A 88 -25.56 -24.67 7.07
N SER A 89 -24.52 -25.31 6.53
CA SER A 89 -24.00 -24.94 5.22
C SER A 89 -24.97 -25.18 4.07
N THR A 90 -25.05 -24.21 3.15
CA THR A 90 -25.86 -24.37 1.95
C THR A 90 -25.23 -25.43 1.05
N ILE A 91 -23.92 -25.33 0.85
CA ILE A 91 -23.18 -26.34 0.09
C ILE A 91 -22.04 -26.90 0.93
N THR A 92 -21.97 -28.22 0.97
CA THR A 92 -20.91 -28.93 1.69
C THR A 92 -20.09 -29.74 0.69
N ILE A 93 -18.77 -29.50 0.65
CA ILE A 93 -17.88 -30.23 -0.26
C ILE A 93 -17.09 -31.28 0.51
N SER A 94 -17.43 -32.55 0.28
CA SER A 94 -16.80 -33.68 0.95
C SER A 94 -16.27 -34.68 -0.08
N ALA A 95 -15.68 -34.14 -1.15
CA ALA A 95 -15.06 -34.93 -2.19
C ALA A 95 -13.89 -34.15 -2.76
N LYS A 96 -13.05 -34.84 -3.52
CA LYS A 96 -11.84 -34.22 -4.06
C LYS A 96 -12.08 -33.73 -5.48
N ASP A 97 -11.24 -32.78 -5.91
CA ASP A 97 -11.24 -32.25 -7.28
C ASP A 97 -12.60 -31.69 -7.72
N PHE A 98 -13.27 -31.04 -6.78
CA PHE A 98 -14.49 -30.31 -7.08
C PHE A 98 -14.13 -28.95 -7.66
N SER A 99 -14.93 -28.49 -8.61
CA SER A 99 -14.87 -27.07 -9.01
C SER A 99 -16.26 -26.47 -9.21
N ALA A 100 -16.36 -25.18 -8.92
CA ALA A 100 -17.53 -24.38 -9.27
C ALA A 100 -17.08 -23.12 -9.99
N GLN A 101 -17.80 -22.74 -11.04
CA GLN A 101 -17.48 -21.54 -11.79
C GLN A 101 -18.73 -20.74 -12.09
N SER A 102 -18.62 -19.41 -12.05
CA SER A 102 -19.66 -18.48 -12.52
C SER A 102 -21.01 -18.75 -11.86
N LEU A 103 -21.02 -18.79 -10.53
CA LEU A 103 -22.27 -18.94 -9.79
C LEU A 103 -22.16 -18.30 -8.42
N THR A 104 -23.32 -18.09 -7.80
CA THR A 104 -23.41 -17.53 -6.47
C THR A 104 -23.94 -18.60 -5.50
N ILE A 105 -23.35 -18.64 -4.31
CA ILE A 105 -23.78 -19.55 -3.25
C ILE A 105 -24.11 -18.69 -2.03
N ARG A 106 -25.35 -18.80 -1.54
CA ARG A 106 -25.79 -17.96 -0.44
C ARG A 106 -26.31 -18.78 0.74
N ASN A 107 -26.04 -18.29 1.94
CA ASN A 107 -26.89 -18.64 3.07
C ASN A 107 -27.81 -17.46 3.33
N ASP A 108 -29.12 -17.72 3.21
CA ASP A 108 -30.12 -16.67 3.25
C ASP A 108 -30.67 -16.38 4.65
N PHE A 109 -30.03 -16.94 5.67
CA PHE A 109 -30.41 -16.63 7.04
C PHE A 109 -30.35 -15.12 7.22
N ASP A 110 -31.48 -14.55 7.66
CA ASP A 110 -31.60 -13.10 7.76
C ASP A 110 -31.05 -12.63 9.10
N PHE A 111 -29.72 -12.58 9.18
CA PHE A 111 -29.04 -12.16 10.41
C PHE A 111 -29.55 -10.81 10.95
N PRO A 112 -29.60 -9.76 10.10
CA PRO A 112 -30.10 -8.47 10.63
C PRO A 112 -31.53 -8.53 11.18
N ALA A 113 -32.44 -9.23 10.50
CA ALA A 113 -33.82 -9.35 11.00
C ALA A 113 -33.86 -10.13 12.30
N ASN A 114 -33.01 -11.15 12.41
CA ASN A 114 -32.89 -11.91 13.65
C ASN A 114 -32.45 -11.02 14.81
N GLN A 115 -31.42 -10.21 14.58
CA GLN A 115 -30.89 -9.34 15.64
C GLN A 115 -31.89 -8.25 16.05
N ALA A 116 -32.73 -7.83 15.10
CA ALA A 116 -33.73 -6.79 15.34
C ALA A 116 -34.92 -7.29 16.16
N LYS A 117 -35.04 -8.61 16.30
CA LYS A 117 -36.12 -9.20 17.09
C LYS A 117 -35.97 -8.83 18.56
N SER A 118 -37.11 -8.70 19.24
CA SER A 118 -37.12 -8.43 20.67
C SER A 118 -36.44 -9.57 21.42
N ASP A 119 -35.75 -9.24 22.51
CA ASP A 119 -35.02 -10.25 23.30
C ASP A 119 -35.92 -11.39 23.81
N SER A 120 -37.18 -11.08 24.10
CA SER A 120 -38.12 -12.09 24.62
C SER A 120 -38.73 -12.98 23.53
N ASP A 121 -38.49 -12.65 22.27
CA ASP A 121 -39.02 -13.41 21.12
C ASP A 121 -38.35 -14.78 21.08
N SER A 122 -39.14 -15.83 21.28
CA SER A 122 -38.61 -17.20 21.33
C SER A 122 -38.00 -17.65 20.00
N SER A 123 -38.32 -16.93 18.92
CA SER A 123 -37.80 -17.24 17.58
C SER A 123 -36.45 -16.59 17.31
N LYS A 124 -36.00 -15.73 18.23
CA LYS A 124 -34.70 -15.06 18.09
C LYS A 124 -33.57 -16.05 18.40
N ILE A 125 -32.75 -16.29 17.37
CA ILE A 125 -31.68 -17.29 17.42
C ILE A 125 -30.39 -16.69 18.01
N LYS A 126 -29.78 -17.42 18.95
CA LYS A 126 -28.50 -17.00 19.53
C LYS A 126 -27.32 -17.54 18.73
N ASP A 127 -27.46 -18.76 18.20
CA ASP A 127 -26.42 -19.39 17.39
C ASP A 127 -26.58 -18.94 15.94
N THR A 128 -26.01 -17.77 15.65
CA THR A 128 -26.29 -17.04 14.41
C THR A 128 -25.34 -17.35 13.24
N GLN A 129 -24.38 -18.26 13.44
CA GLN A 129 -23.56 -18.68 12.31
C GLN A 129 -24.43 -19.32 11.24
N ALA A 130 -24.17 -18.98 9.98
CA ALA A 130 -24.95 -19.48 8.85
C ALA A 130 -24.06 -19.60 7.63
N VAL A 131 -23.52 -20.80 7.43
CA VAL A 131 -22.49 -21.03 6.43
C VAL A 131 -23.05 -21.12 5.00
N ALA A 132 -22.42 -20.40 4.07
CA ALA A 132 -22.76 -20.51 2.65
C ALA A 132 -22.08 -21.72 2.02
N LEU A 133 -20.76 -21.82 2.24
CA LEU A 133 -19.95 -22.88 1.64
C LEU A 133 -19.01 -23.46 2.69
N TYR A 134 -18.99 -24.79 2.74
CA TYR A 134 -18.16 -25.53 3.69
C TYR A 134 -17.35 -26.55 2.92
N VAL A 135 -16.03 -26.38 2.95
CA VAL A 135 -15.13 -27.39 2.39
C VAL A 135 -14.60 -28.21 3.57
N THR A 136 -14.94 -29.49 3.60
CA THR A 136 -14.63 -30.35 4.76
C THR A 136 -13.24 -30.98 4.63
N LYS A 137 -12.84 -31.75 5.65
CA LYS A 137 -11.55 -32.47 5.61
C LYS A 137 -11.43 -33.45 4.43
N SER A 138 -12.57 -33.86 3.88
CA SER A 138 -12.64 -34.80 2.77
C SER A 138 -12.64 -34.12 1.41
N GLY A 139 -12.72 -32.79 1.42
CA GLY A 139 -12.56 -32.02 0.19
C GLY A 139 -11.10 -31.64 0.13
N ASP A 140 -10.36 -32.08 -0.87
CA ASP A 140 -9.05 -31.50 -1.11
C ASP A 140 -9.07 -31.15 -2.58
N ARG A 141 -8.35 -30.09 -2.95
CA ARG A 141 -8.27 -29.62 -4.33
C ARG A 141 -9.61 -29.10 -4.85
N ALA A 142 -10.22 -28.19 -4.08
CA ALA A 142 -11.50 -27.56 -4.44
C ALA A 142 -11.25 -26.17 -5.03
N TYR A 143 -11.79 -25.93 -6.23
CA TYR A 143 -11.48 -24.75 -7.02
C TYR A 143 -12.75 -23.95 -7.30
N PHE A 144 -12.71 -22.66 -6.95
CA PHE A 144 -13.87 -21.78 -7.12
C PHE A 144 -13.44 -20.56 -7.94
N LYS A 145 -13.95 -20.45 -9.16
CA LYS A 145 -13.56 -19.34 -10.04
C LYS A 145 -14.77 -18.51 -10.43
N ASP A 146 -14.68 -17.19 -10.26
CA ASP A 146 -15.79 -16.30 -10.56
C ASP A 146 -17.04 -16.76 -9.79
N VAL A 147 -16.84 -16.95 -8.48
CA VAL A 147 -17.92 -17.38 -7.59
C VAL A 147 -18.18 -16.27 -6.57
N SER A 148 -19.44 -16.10 -6.20
CA SER A 148 -19.81 -15.16 -5.15
C SER A 148 -20.36 -15.96 -3.98
N LEU A 149 -19.83 -15.70 -2.77
CA LEU A 149 -20.30 -16.35 -1.55
C LEU A 149 -20.96 -15.31 -0.64
N VAL A 150 -22.19 -15.58 -0.26
CA VAL A 150 -22.99 -14.61 0.48
C VAL A 150 -23.40 -15.10 1.86
N GLY A 151 -23.11 -14.29 2.88
CA GLY A 151 -23.57 -14.58 4.24
C GLY A 151 -23.29 -13.42 5.18
N TYR A 152 -23.43 -13.68 6.47
CA TYR A 152 -23.04 -12.71 7.49
C TYR A 152 -22.00 -13.38 8.38
N GLN A 153 -22.45 -14.08 9.41
CA GLN A 153 -21.51 -14.79 10.29
C GLN A 153 -21.11 -16.13 9.69
N ASP A 154 -19.80 -16.37 9.56
CA ASP A 154 -19.25 -17.68 9.14
C ASP A 154 -19.58 -18.06 7.69
N THR A 155 -19.55 -17.09 6.78
CA THR A 155 -19.92 -17.34 5.38
C THR A 155 -19.18 -18.51 4.74
N LEU A 156 -17.85 -18.53 4.88
CA LEU A 156 -17.02 -19.56 4.26
C LEU A 156 -16.21 -20.33 5.30
N TYR A 157 -16.45 -21.64 5.34
CA TYR A 157 -15.80 -22.56 6.29
C TYR A 157 -14.85 -23.43 5.47
N VAL A 158 -13.56 -23.16 5.57
CA VAL A 158 -12.55 -23.94 4.84
C VAL A 158 -11.74 -24.84 5.79
N SER A 159 -11.96 -26.16 5.70
CA SER A 159 -11.27 -27.11 6.59
C SER A 159 -10.43 -28.13 5.81
N GLY A 160 -9.43 -28.70 6.48
CA GLY A 160 -8.66 -29.81 5.90
C GLY A 160 -7.66 -29.43 4.83
N GLY A 161 -8.00 -29.74 3.58
CA GLY A 161 -7.05 -29.69 2.48
C GLY A 161 -6.90 -28.33 1.81
N ARG A 162 -6.64 -28.36 0.51
CA ARG A 162 -6.36 -27.16 -0.27
C ARG A 162 -7.56 -26.69 -1.08
N SER A 163 -7.84 -25.40 -1.00
CA SER A 163 -8.86 -24.78 -1.81
C SER A 163 -8.30 -23.52 -2.46
N PHE A 164 -8.85 -23.16 -3.62
CA PHE A 164 -8.39 -21.99 -4.35
C PHE A 164 -9.60 -21.20 -4.81
N PHE A 165 -9.61 -19.90 -4.49
CA PHE A 165 -10.70 -18.99 -4.83
C PHE A 165 -10.14 -17.89 -5.72
N SER A 166 -10.72 -17.74 -6.91
CA SER A 166 -10.15 -16.86 -7.92
C SER A 166 -11.25 -16.00 -8.53
N ASP A 167 -10.99 -14.69 -8.63
CA ASP A 167 -11.92 -13.74 -9.23
C ASP A 167 -13.27 -13.82 -8.51
N CYS A 168 -13.20 -13.80 -7.18
CA CYS A 168 -14.34 -14.15 -6.36
C CYS A 168 -14.88 -12.94 -5.59
N ARG A 169 -16.12 -13.07 -5.10
CA ARG A 169 -16.69 -12.15 -4.12
C ARG A 169 -17.09 -12.98 -2.90
N ILE A 170 -16.70 -12.49 -1.71
CA ILE A 170 -17.10 -13.11 -0.46
C ILE A 170 -17.52 -12.00 0.51
N SER A 171 -18.73 -12.10 1.03
CA SER A 171 -19.27 -11.09 1.92
C SER A 171 -19.59 -11.70 3.28
N GLY A 172 -19.54 -10.88 4.32
CA GLY A 172 -19.90 -11.32 5.66
C GLY A 172 -19.56 -10.32 6.74
N THR A 173 -19.70 -10.76 7.98
CA THR A 173 -19.48 -9.92 9.15
C THR A 173 -18.43 -10.56 10.05
N VAL A 174 -18.88 -11.50 10.89
CA VAL A 174 -18.02 -12.12 11.90
C VAL A 174 -17.43 -13.43 11.39
N ASP A 175 -16.09 -13.47 11.36
CA ASP A 175 -15.33 -14.67 11.01
C ASP A 175 -15.79 -15.24 9.67
N PHE A 176 -15.91 -14.40 8.64
CA PHE A 176 -16.58 -14.87 7.41
C PHE A 176 -15.72 -15.74 6.48
N ILE A 177 -14.42 -15.82 6.77
CA ILE A 177 -13.56 -16.88 6.23
C ILE A 177 -12.88 -17.50 7.44
N PHE A 178 -13.18 -18.76 7.73
CA PHE A 178 -12.68 -19.39 8.96
C PHE A 178 -12.40 -20.87 8.78
N GLY A 179 -11.54 -21.43 9.63
CA GLY A 179 -11.20 -22.84 9.53
C GLY A 179 -9.72 -23.13 9.39
N ASP A 180 -9.39 -24.40 9.25
CA ASP A 180 -8.03 -24.90 9.36
C ASP A 180 -7.43 -25.30 8.02
N GLY A 181 -8.17 -25.04 6.93
CA GLY A 181 -7.70 -25.44 5.61
C GLY A 181 -6.58 -24.59 5.06
N THR A 182 -5.96 -25.06 3.98
CA THR A 182 -5.06 -24.23 3.20
C THR A 182 -5.94 -23.60 2.11
N ALA A 183 -6.22 -22.30 2.25
CA ALA A 183 -7.14 -21.63 1.35
C ALA A 183 -6.48 -20.40 0.76
N LEU A 184 -6.32 -20.42 -0.56
CA LEU A 184 -5.67 -19.32 -1.28
C LEU A 184 -6.74 -18.53 -2.02
N PHE A 185 -6.69 -17.20 -1.87
CA PHE A 185 -7.65 -16.30 -2.50
C PHE A 185 -6.89 -15.33 -3.39
N ASN A 186 -7.21 -15.33 -4.68
CA ASN A 186 -6.55 -14.39 -5.60
C ASN A 186 -7.55 -13.56 -6.39
N ASN A 187 -7.30 -12.25 -6.41
CA ASN A 187 -8.18 -11.30 -7.11
C ASN A 187 -9.64 -11.41 -6.65
N CYS A 188 -9.81 -11.45 -5.33
CA CYS A 188 -11.14 -11.52 -4.73
C CYS A 188 -11.54 -10.18 -4.11
N ASP A 189 -12.84 -9.92 -4.07
CA ASP A 189 -13.39 -8.83 -3.28
C ASP A 189 -13.93 -9.41 -1.99
N LEU A 190 -13.36 -8.97 -0.87
CA LEU A 190 -13.81 -9.41 0.44
C LEU A 190 -14.61 -8.27 1.06
N VAL A 191 -15.92 -8.48 1.19
CA VAL A 191 -16.86 -7.41 1.48
C VAL A 191 -17.35 -7.45 2.93
N SER A 192 -16.94 -6.46 3.72
CA SER A 192 -17.35 -6.32 5.13
C SER A 192 -18.71 -5.64 5.20
N ARG A 193 -19.65 -6.29 5.87
CA ARG A 193 -21.04 -5.85 5.84
C ARG A 193 -21.45 -4.96 7.01
N TYR A 194 -22.45 -4.14 6.77
CA TYR A 194 -23.02 -3.26 7.80
C TYR A 194 -23.71 -4.02 8.92
N ARG A 195 -23.44 -3.60 10.16
CA ARG A 195 -24.06 -4.17 11.36
C ARG A 195 -24.96 -3.14 12.04
N ALA A 196 -26.28 -3.25 11.80
CA ALA A 196 -27.25 -2.34 12.42
C ALA A 196 -27.31 -2.54 13.94
N ASP A 197 -26.90 -3.72 14.39
CA ASP A 197 -27.03 -4.12 15.79
C ASP A 197 -25.80 -3.81 16.65
N VAL A 198 -24.77 -3.22 16.05
CA VAL A 198 -23.54 -2.91 16.75
C VAL A 198 -23.43 -1.42 17.04
N LYS A 199 -23.21 -1.07 18.30
CA LYS A 199 -23.09 0.32 18.74
C LYS A 199 -21.85 0.98 18.18
N SER A 200 -21.96 2.28 17.90
CA SER A 200 -20.82 3.08 17.45
C SER A 200 -19.65 2.86 18.40
N GLY A 201 -18.50 2.49 17.85
CA GLY A 201 -17.29 2.30 18.63
C GLY A 201 -16.98 0.87 19.02
N ASN A 202 -17.94 -0.03 18.79
CA ASN A 202 -17.73 -1.46 18.98
C ASN A 202 -17.38 -2.14 17.65
N VAL A 203 -16.86 -3.35 17.71
CA VAL A 203 -16.40 -4.06 16.52
C VAL A 203 -17.57 -4.67 15.74
N SER A 204 -17.59 -4.43 14.43
CA SER A 204 -18.61 -4.99 13.55
C SER A 204 -18.30 -6.41 13.06
N GLY A 205 -17.02 -6.73 12.89
CA GLY A 205 -16.65 -8.09 12.50
C GLY A 205 -15.18 -8.35 12.28
N TYR A 206 -14.91 -9.53 11.70
CA TYR A 206 -13.54 -10.01 11.46
C TYR A 206 -13.56 -10.75 10.13
N LEU A 207 -12.67 -10.37 9.22
CA LEU A 207 -12.60 -11.03 7.91
C LEU A 207 -12.27 -12.52 8.05
N THR A 208 -11.31 -12.84 8.91
CA THR A 208 -10.85 -14.21 9.03
C THR A 208 -10.80 -14.70 10.47
N ALA A 209 -10.93 -16.00 10.63
CA ALA A 209 -10.71 -16.67 11.92
C ALA A 209 -10.06 -18.02 11.64
N PRO A 210 -8.75 -18.00 11.34
CA PRO A 210 -8.04 -19.23 10.99
C PRO A 210 -7.83 -20.11 12.22
N SER A 211 -7.93 -21.42 12.01
CA SER A 211 -7.67 -22.42 13.06
C SER A 211 -6.54 -23.37 12.64
N THR A 212 -5.71 -22.87 11.72
CA THR A 212 -4.62 -23.63 11.12
C THR A 212 -3.77 -24.30 12.20
N ASN A 213 -3.58 -25.61 12.08
CA ASN A 213 -2.68 -26.30 13.01
C ASN A 213 -1.26 -25.75 12.89
N ILE A 214 -0.57 -25.63 14.01
CA ILE A 214 0.77 -25.02 14.04
C ILE A 214 1.79 -25.73 13.13
N ASN A 215 1.59 -27.03 12.88
CA ASN A 215 2.48 -27.81 12.03
C ASN A 215 2.12 -27.76 10.54
N GLN A 216 1.01 -27.09 10.24
CA GLN A 216 0.59 -26.89 8.85
C GLN A 216 1.19 -25.58 8.33
N LYS A 217 1.88 -25.66 7.20
CA LYS A 217 2.66 -24.55 6.67
C LYS A 217 1.80 -23.36 6.25
N TYR A 218 0.69 -23.62 5.58
CA TYR A 218 -0.17 -22.55 5.06
C TYR A 218 -1.61 -22.64 5.52
N GLY A 219 -2.17 -21.50 5.90
CA GLY A 219 -3.57 -21.40 6.30
C GLY A 219 -4.33 -20.57 5.29
N LEU A 220 -4.80 -19.40 5.70
CA LEU A 220 -5.54 -18.51 4.80
C LEU A 220 -4.58 -17.51 4.18
N VAL A 221 -4.48 -17.55 2.85
CA VAL A 221 -3.56 -16.68 2.12
C VAL A 221 -4.36 -15.86 1.10
N ILE A 222 -4.32 -14.55 1.27
CA ILE A 222 -5.10 -13.64 0.43
C ILE A 222 -4.15 -12.78 -0.40
N THR A 223 -4.27 -12.88 -1.73
CA THR A 223 -3.33 -12.22 -2.64
C THR A 223 -4.06 -11.37 -3.67
N ASN A 224 -3.48 -10.21 -3.98
CA ASN A 224 -3.96 -9.38 -5.10
C ASN A 224 -5.46 -9.10 -5.02
N SER A 225 -5.94 -8.83 -3.82
CA SER A 225 -7.37 -8.76 -3.56
C SER A 225 -7.77 -7.38 -3.08
N ARG A 226 -9.06 -7.23 -2.80
CA ARG A 226 -9.60 -5.96 -2.35
C ARG A 226 -10.49 -6.20 -1.13
N VAL A 227 -10.10 -5.56 -0.02
CA VAL A 227 -10.83 -5.62 1.23
C VAL A 227 -11.67 -4.35 1.31
N ILE A 228 -12.98 -4.52 1.11
CA ILE A 228 -13.87 -3.38 0.90
C ILE A 228 -15.07 -3.35 1.84
N ARG A 229 -15.60 -2.15 2.06
CA ARG A 229 -16.83 -1.98 2.84
C ARG A 229 -18.05 -2.11 1.92
N GLU A 230 -19.10 -2.72 2.45
CA GLU A 230 -20.36 -2.89 1.74
C GLU A 230 -21.03 -1.54 1.45
N SER A 231 -20.87 -0.60 2.38
CA SER A 231 -21.49 0.72 2.27
C SER A 231 -20.71 1.72 3.12
N ASP A 232 -20.98 3.00 2.87
CA ASP A 232 -20.38 4.09 3.65
C ASP A 232 -20.82 4.08 5.11
N SER A 233 -21.85 3.30 5.42
CA SER A 233 -22.33 3.18 6.80
C SER A 233 -21.49 2.23 7.64
N VAL A 234 -20.64 1.43 6.99
CA VAL A 234 -19.66 0.62 7.72
C VAL A 234 -18.59 1.56 8.27
N PRO A 235 -18.51 1.71 9.60
CA PRO A 235 -17.62 2.72 10.18
C PRO A 235 -16.13 2.48 9.94
N ALA A 236 -15.35 3.55 9.99
CA ALA A 236 -13.91 3.44 10.01
C ALA A 236 -13.50 2.64 11.24
N LYS A 237 -12.47 1.80 11.08
CA LYS A 237 -11.89 1.01 12.18
C LYS A 237 -12.90 0.14 12.92
N SER A 238 -13.77 -0.53 12.15
CA SER A 238 -14.83 -1.40 12.69
C SER A 238 -14.58 -2.89 12.44
N TYR A 239 -13.61 -3.21 11.58
CA TYR A 239 -13.35 -4.59 11.17
C TYR A 239 -11.92 -5.04 11.42
N GLY A 240 -11.76 -6.21 12.03
CA GLY A 240 -10.45 -6.83 12.15
C GLY A 240 -10.11 -7.69 10.95
N LEU A 241 -8.82 -7.74 10.61
CA LEU A 241 -8.32 -8.62 9.55
C LEU A 241 -8.43 -10.09 9.92
N GLY A 242 -8.34 -10.36 11.21
CA GLY A 242 -8.41 -11.72 11.71
C GLY A 242 -8.35 -11.79 13.21
N ARG A 243 -8.87 -12.88 13.76
CA ARG A 243 -8.69 -13.25 15.16
C ARG A 243 -8.45 -14.75 15.23
N PRO A 244 -7.70 -15.22 16.25
CA PRO A 244 -7.28 -16.61 16.26
C PRO A 244 -8.36 -17.58 16.79
N TRP A 245 -8.92 -18.39 15.90
CA TRP A 245 -9.92 -19.39 16.30
C TRP A 245 -9.24 -20.68 16.76
N HIS A 246 -9.45 -20.99 18.03
CA HIS A 246 -8.98 -22.25 18.61
C HIS A 246 -10.21 -23.09 18.89
N PRO A 247 -10.61 -23.95 17.93
CA PRO A 247 -11.91 -24.61 17.99
C PRO A 247 -12.04 -25.52 19.20
N THR A 248 -13.24 -25.55 19.77
CA THR A 248 -13.57 -26.56 20.77
C THR A 248 -13.38 -27.92 20.11
N THR A 249 -12.56 -28.75 20.74
CA THR A 249 -12.08 -30.01 20.17
C THR A 249 -12.06 -31.06 21.27
N THR A 250 -12.46 -32.28 20.94
CA THR A 250 -12.40 -33.41 21.87
C THR A 250 -10.99 -34.02 21.94
N PHE A 251 -10.42 -33.98 23.15
CA PHE A 251 -9.14 -34.61 23.45
C PHE A 251 -9.36 -35.71 24.47
N SER A 252 -8.32 -36.49 24.72
CA SER A 252 -8.35 -37.53 25.74
C SER A 252 -8.70 -36.99 27.13
N ASP A 253 -8.29 -35.74 27.41
CA ASP A 253 -8.53 -35.10 28.72
C ASP A 253 -9.68 -34.06 28.70
N GLY A 254 -10.58 -34.20 27.73
CA GLY A 254 -11.78 -33.37 27.69
C GLY A 254 -12.00 -32.59 26.40
N ARG A 255 -13.03 -31.76 26.41
CA ARG A 255 -13.40 -30.99 25.22
C ARG A 255 -13.26 -29.49 25.46
N TYR A 256 -12.31 -28.87 24.74
CA TYR A 256 -11.90 -27.48 25.01
C TYR A 256 -11.16 -26.88 23.82
N ALA A 257 -10.86 -25.58 23.89
CA ALA A 257 -10.20 -24.87 22.78
C ALA A 257 -8.83 -25.49 22.44
N ASP A 258 -8.64 -25.85 21.17
CA ASP A 258 -7.43 -26.53 20.72
C ASP A 258 -6.19 -25.62 20.86
N PRO A 259 -5.24 -25.98 21.76
CA PRO A 259 -4.09 -25.09 21.96
C PRO A 259 -3.18 -24.95 20.73
N ASN A 260 -3.17 -25.99 19.89
CA ASN A 260 -2.29 -26.05 18.73
C ASN A 260 -2.88 -25.50 17.43
N ALA A 261 -4.12 -25.02 17.51
CA ALA A 261 -4.76 -24.34 16.39
C ALA A 261 -4.33 -22.88 16.40
N ILE A 262 -3.12 -22.64 15.92
CA ILE A 262 -2.49 -21.32 15.93
C ILE A 262 -2.56 -20.79 14.50
N GLY A 263 -3.66 -20.10 14.22
CA GLY A 263 -4.05 -19.79 12.85
C GLY A 263 -3.12 -18.87 12.08
N GLN A 264 -3.11 -19.06 10.76
CA GLN A 264 -2.37 -18.19 9.86
C GLN A 264 -3.33 -17.49 8.91
N THR A 265 -3.20 -16.16 8.85
CA THR A 265 -3.79 -15.36 7.78
C THR A 265 -2.70 -14.44 7.28
N VAL A 266 -2.44 -14.49 5.97
CA VAL A 266 -1.44 -13.61 5.34
C VAL A 266 -2.09 -12.86 4.17
N PHE A 267 -1.96 -11.54 4.19
CA PHE A 267 -2.42 -10.68 3.10
C PHE A 267 -1.20 -10.21 2.30
N LEU A 268 -1.22 -10.44 0.99
CA LEU A 268 -0.15 -9.93 0.13
C LEU A 268 -0.75 -9.07 -0.98
N ASN A 269 -0.16 -7.88 -1.20
CA ASN A 269 -0.57 -6.99 -2.30
C ASN A 269 -2.09 -6.76 -2.36
N THR A 270 -2.67 -6.48 -1.21
CA THR A 270 -4.12 -6.38 -1.09
C THR A 270 -4.55 -4.98 -0.63
N SER A 271 -5.58 -4.43 -1.28
CA SER A 271 -6.10 -3.12 -0.91
C SER A 271 -7.03 -3.24 0.28
N MET A 272 -7.04 -2.22 1.11
CA MET A 272 -7.88 -2.22 2.31
C MET A 272 -8.46 -0.83 2.54
N ASP A 273 -9.78 -0.75 2.65
CA ASP A 273 -10.42 0.50 3.05
C ASP A 273 -10.27 0.73 4.55
N ASN A 274 -10.65 1.93 5.00
CA ASN A 274 -10.34 2.31 6.38
C ASN A 274 -11.27 1.72 7.45
N HIS A 275 -12.19 0.84 7.05
CA HIS A 275 -12.97 0.06 8.02
C HIS A 275 -12.07 -0.91 8.81
N ILE A 276 -10.90 -1.22 8.25
CA ILE A 276 -9.92 -2.11 8.89
C ILE A 276 -9.13 -1.39 9.99
N TYR A 277 -9.07 -2.00 11.18
CA TYR A 277 -8.25 -1.45 12.27
C TYR A 277 -6.97 -2.24 12.53
N GLY A 278 -6.93 -3.48 12.05
CA GLY A 278 -5.80 -4.38 12.31
C GLY A 278 -6.27 -5.76 12.74
N TRP A 279 -5.48 -6.42 13.58
CA TRP A 279 -5.78 -7.77 14.05
C TRP A 279 -6.46 -7.72 15.42
N ASP A 280 -7.00 -8.86 15.87
CA ASP A 280 -7.66 -8.90 17.18
C ASP A 280 -7.49 -10.23 17.89
N LYS A 281 -7.89 -10.26 19.17
CA LYS A 281 -7.85 -11.47 19.98
C LYS A 281 -9.19 -12.21 19.90
N MET A 282 -9.21 -13.43 20.44
CA MET A 282 -10.43 -14.23 20.50
C MET A 282 -10.37 -15.12 21.73
N SER A 283 -11.54 -15.38 22.31
CA SER A 283 -11.61 -16.20 23.52
C SER A 283 -12.16 -17.59 23.26
N GLY A 284 -11.80 -18.53 24.13
CA GLY A 284 -12.35 -19.86 24.13
C GLY A 284 -12.45 -20.34 25.56
N LYS A 285 -12.73 -21.64 25.73
CA LYS A 285 -12.74 -22.27 27.04
C LYS A 285 -11.59 -23.27 27.13
N ASP A 286 -10.81 -23.20 28.22
CA ASP A 286 -9.67 -24.08 28.38
C ASP A 286 -10.10 -25.43 29.00
N LYS A 287 -9.11 -26.29 29.26
CA LYS A 287 -9.36 -27.65 29.79
C LYS A 287 -10.04 -27.69 31.17
N ASN A 288 -10.05 -26.56 31.86
CA ASN A 288 -10.64 -26.46 33.20
C ASN A 288 -12.00 -25.78 33.18
N GLY A 289 -12.41 -25.33 31.99
CA GLY A 289 -13.67 -24.62 31.82
C GLY A 289 -13.57 -23.12 32.02
N ASN A 290 -12.34 -22.59 32.17
CA ASN A 290 -12.13 -21.15 32.30
C ASN A 290 -11.99 -20.46 30.96
N THR A 291 -12.39 -19.19 30.92
CA THR A 291 -12.12 -18.33 29.77
C THR A 291 -10.61 -18.26 29.52
N ILE A 292 -10.24 -18.44 28.26
CA ILE A 292 -8.85 -18.27 27.82
C ILE A 292 -8.82 -17.38 26.59
N TRP A 293 -7.89 -16.43 26.57
CA TRP A 293 -7.74 -15.51 25.44
C TRP A 293 -6.55 -15.88 24.58
N PHE A 294 -6.78 -15.86 23.26
CA PHE A 294 -5.72 -16.09 22.29
C PHE A 294 -5.42 -14.80 21.55
N ASN A 295 -4.16 -14.38 21.57
CA ASN A 295 -3.77 -13.05 21.10
C ASN A 295 -3.20 -13.05 19.69
N PRO A 296 -3.42 -11.95 18.94
CA PRO A 296 -2.92 -11.89 17.57
C PRO A 296 -1.40 -11.96 17.46
N GLU A 297 -0.68 -11.37 18.43
CA GLU A 297 0.79 -11.38 18.41
C GLU A 297 1.38 -12.80 18.57
N ASP A 298 0.58 -13.72 19.10
CA ASP A 298 0.98 -15.12 19.24
C ASP A 298 0.54 -15.97 18.05
N SER A 299 -0.17 -15.36 17.11
CA SER A 299 -0.70 -16.05 15.94
C SER A 299 0.08 -15.69 14.68
N ARG A 300 -0.19 -16.41 13.59
CA ARG A 300 0.58 -16.22 12.35
C ARG A 300 -0.13 -15.22 11.42
N PHE A 301 -0.14 -13.96 11.87
CA PHE A 301 -0.87 -12.89 11.20
C PHE A 301 0.10 -11.90 10.56
N PHE A 302 0.11 -11.84 9.23
CA PHE A 302 1.09 -11.01 8.51
C PHE A 302 0.49 -10.30 7.31
N GLU A 303 1.13 -9.20 6.92
CA GLU A 303 0.80 -8.50 5.68
C GLU A 303 2.06 -8.26 4.86
N TYR A 304 1.86 -8.06 3.56
CA TYR A 304 2.93 -7.68 2.67
C TYR A 304 2.37 -6.68 1.66
N LYS A 305 2.88 -5.46 1.71
CA LYS A 305 2.52 -4.39 0.78
C LYS A 305 1.01 -4.17 0.63
N SER A 306 0.30 -4.12 1.76
CA SER A 306 -1.09 -3.67 1.76
C SER A 306 -1.13 -2.22 1.29
N TYR A 307 -2.25 -1.82 0.72
CA TYR A 307 -2.44 -0.43 0.33
C TYR A 307 -3.89 -0.01 0.55
N GLY A 308 -4.18 1.27 0.30
CA GLY A 308 -5.47 1.83 0.66
C GLY A 308 -5.47 2.35 2.10
N ALA A 309 -6.54 3.05 2.47
CA ALA A 309 -6.62 3.76 3.76
C ALA A 309 -6.52 2.87 4.99
N GLY A 310 -6.90 1.59 4.87
CA GLY A 310 -6.82 0.65 5.99
C GLY A 310 -5.46 -0.01 6.17
N ALA A 311 -4.49 0.39 5.34
CA ALA A 311 -3.18 -0.26 5.34
C ALA A 311 -2.12 0.48 6.16
N THR A 312 -2.29 0.58 7.45
CA THR A 312 -1.22 1.07 8.31
C THR A 312 -0.21 0.00 8.65
N VAL A 313 1.06 0.47 8.74
CA VAL A 313 2.17 -0.36 9.20
C VAL A 313 2.54 0.11 10.60
N SER A 314 2.52 -0.82 11.54
CA SER A 314 2.84 -0.56 12.94
C SER A 314 3.35 -1.84 13.58
N LYS A 315 3.85 -1.73 14.82
CA LYS A 315 4.33 -2.89 15.57
C LYS A 315 3.25 -3.98 15.75
N ASP A 316 1.98 -3.57 15.77
CA ASP A 316 0.86 -4.50 15.91
C ASP A 316 0.41 -5.12 14.59
N ARG A 317 1.05 -4.70 13.50
CA ARG A 317 0.76 -5.28 12.18
C ARG A 317 2.06 -5.68 11.50
N ARG A 318 2.48 -6.91 11.77
CA ARG A 318 3.75 -7.45 11.28
C ARG A 318 3.77 -7.56 9.76
N GLN A 319 4.94 -7.27 9.20
CA GLN A 319 5.14 -7.25 7.76
C GLN A 319 6.13 -8.32 7.34
N LEU A 320 5.86 -8.96 6.21
CA LEU A 320 6.79 -9.90 5.62
C LEU A 320 7.92 -9.15 4.92
N THR A 321 9.11 -9.73 4.94
CA THR A 321 10.20 -9.26 4.08
C THR A 321 9.91 -9.72 2.64
N ASP A 322 10.63 -9.16 1.67
CA ASP A 322 10.53 -9.61 0.28
C ASP A 322 10.78 -11.12 0.15
N ALA A 323 11.82 -11.60 0.84
CA ALA A 323 12.18 -13.02 0.83
C ALA A 323 11.07 -13.89 1.39
N GLN A 324 10.45 -13.44 2.49
CA GLN A 324 9.34 -14.16 3.12
C GLN A 324 8.11 -14.17 2.22
N ALA A 325 7.86 -13.05 1.54
CA ALA A 325 6.73 -12.95 0.60
C ALA A 325 6.82 -13.96 -0.55
N ALA A 326 8.04 -14.27 -0.97
CA ALA A 326 8.27 -15.25 -2.05
C ALA A 326 7.79 -16.66 -1.68
N GLU A 327 7.57 -16.90 -0.39
CA GLU A 327 7.09 -18.19 0.09
C GLU A 327 5.58 -18.37 -0.06
N TYR A 328 4.89 -17.31 -0.50
CA TYR A 328 3.43 -17.34 -0.61
C TYR A 328 2.91 -17.25 -2.05
N THR A 329 3.71 -17.75 -3.00
CA THR A 329 3.26 -17.89 -4.39
C THR A 329 2.22 -19.00 -4.49
N GLN A 330 1.39 -18.96 -5.52
CA GLN A 330 0.43 -20.05 -5.76
C GLN A 330 1.12 -21.43 -5.77
N SER A 331 2.26 -21.50 -6.45
CA SER A 331 3.02 -22.74 -6.54
C SER A 331 3.40 -23.30 -5.16
N LYS A 332 3.85 -22.45 -4.26
CA LYS A 332 4.26 -22.89 -2.93
C LYS A 332 3.06 -23.24 -2.04
N VAL A 333 2.02 -22.42 -2.11
CA VAL A 333 0.86 -22.59 -1.24
C VAL A 333 0.05 -23.84 -1.60
N LEU A 334 -0.11 -24.09 -2.89
CA LEU A 334 -0.94 -25.22 -3.36
C LEU A 334 -0.14 -26.50 -3.67
N GLY A 335 1.18 -26.39 -3.58
CA GLY A 335 2.07 -27.55 -3.83
C GLY A 335 1.92 -28.14 -5.21
N ASP A 336 1.72 -29.46 -5.26
CA ASP A 336 1.66 -30.18 -6.54
C ASP A 336 0.33 -30.03 -7.31
N TRP A 337 -0.60 -29.28 -6.73
CA TRP A 337 -1.91 -29.07 -7.35
C TRP A 337 -1.97 -27.78 -8.17
N THR A 338 -2.29 -27.94 -9.46
CA THR A 338 -2.58 -26.82 -10.33
C THR A 338 -4.09 -26.82 -10.61
N PRO A 339 -4.82 -25.86 -10.00
CA PRO A 339 -6.26 -25.79 -10.21
C PRO A 339 -6.58 -25.55 -11.68
N THR A 340 -7.44 -26.41 -12.25
CA THR A 340 -7.89 -26.26 -13.63
C THR A 340 -9.39 -26.52 -13.73
N LEU A 341 -10.02 -25.91 -14.73
CA LEU A 341 -11.42 -26.11 -14.99
C LEU A 341 -11.60 -27.10 -16.15
N PRO A 342 -12.76 -27.78 -16.21
CA PRO A 342 -13.02 -28.76 -17.28
C PRO A 342 -12.98 -28.15 -18.67
N ALA B 1 40.26 0.21 -5.31
CA ALA B 1 41.25 1.31 -5.49
C ALA B 1 40.62 2.68 -5.26
N THR B 2 40.78 3.20 -4.03
CA THR B 2 40.27 4.51 -3.66
C THR B 2 41.34 5.35 -2.98
N THR B 3 41.55 6.55 -3.50
CA THR B 3 42.54 7.49 -2.97
C THR B 3 41.98 8.91 -2.95
N TYR B 4 42.43 9.72 -2.00
CA TYR B 4 41.92 11.09 -1.86
C TYR B 4 42.96 12.14 -2.20
N ASN B 5 42.55 13.11 -3.01
CA ASN B 5 43.38 14.24 -3.36
C ASN B 5 43.55 15.23 -2.21
N ALA B 6 42.52 15.29 -1.36
CA ALA B 6 42.52 16.19 -0.20
C ALA B 6 41.66 15.60 0.93
N VAL B 7 41.99 15.98 2.17
CA VAL B 7 41.21 15.56 3.33
C VAL B 7 40.84 16.78 4.17
N VAL B 8 39.56 16.87 4.56
CA VAL B 8 39.06 17.93 5.41
C VAL B 8 38.80 17.37 6.82
N SER B 9 39.25 18.10 7.84
CA SER B 9 39.11 17.63 9.21
C SER B 9 38.97 18.80 10.19
N LYS B 10 38.25 18.54 11.28
CA LYS B 10 38.13 19.48 12.39
C LYS B 10 39.37 19.44 13.29
N SER B 11 40.16 18.38 13.15
CA SER B 11 41.34 18.17 13.98
C SER B 11 42.63 18.60 13.27
N SER B 12 43.47 19.34 13.99
CA SER B 12 44.81 19.68 13.52
C SER B 12 45.73 18.48 13.68
N SER B 13 45.42 17.63 14.67
CA SER B 13 46.15 16.40 14.96
C SER B 13 45.87 15.30 13.92
N ASP B 14 44.93 15.56 13.01
CA ASP B 14 44.57 14.61 11.96
C ASP B 14 45.70 14.43 10.93
N GLY B 15 46.52 15.47 10.78
CA GLY B 15 47.65 15.43 9.87
C GLY B 15 47.65 16.55 8.85
N LYS B 16 47.91 16.19 7.60
CA LYS B 16 47.96 17.14 6.48
C LYS B 16 46.57 17.42 5.91
N THR B 17 45.73 18.09 6.69
CA THR B 17 44.32 18.29 6.35
C THR B 17 43.91 19.76 6.21
N PHE B 18 42.85 19.98 5.46
CA PHE B 18 42.25 21.31 5.31
C PHE B 18 41.24 21.53 6.42
N LYS B 19 41.14 22.76 6.88
CA LYS B 19 40.18 23.12 7.93
C LYS B 19 38.76 23.31 7.40
N THR B 20 38.65 23.83 6.18
CA THR B 20 37.35 24.02 5.53
C THR B 20 37.24 23.24 4.21
N ILE B 21 36.01 22.90 3.86
CA ILE B 21 35.72 22.22 2.59
C ILE B 21 36.03 23.13 1.40
N ALA B 22 35.68 24.41 1.53
CA ALA B 22 35.97 25.41 0.50
C ALA B 22 37.48 25.46 0.19
N ASP B 23 38.31 25.44 1.22
CA ASP B 23 39.77 25.45 1.04
C ASP B 23 40.26 24.21 0.28
N ALA B 24 39.73 23.04 0.64
CA ALA B 24 40.08 21.79 -0.05
C ALA B 24 39.67 21.81 -1.53
N ILE B 25 38.47 22.30 -1.82
CA ILE B 25 37.97 22.41 -3.20
C ILE B 25 38.85 23.37 -4.01
N ALA B 26 39.18 24.52 -3.43
CA ALA B 26 39.98 25.54 -4.11
C ALA B 26 41.38 25.03 -4.44
N SER B 27 41.88 24.09 -3.65
CA SER B 27 43.21 23.54 -3.84
C SER B 27 43.34 22.64 -5.08
N ALA B 28 42.21 22.30 -5.68
CA ALA B 28 42.21 21.47 -6.89
C ALA B 28 42.87 22.22 -8.05
N PRO B 29 43.70 21.51 -8.84
CA PRO B 29 44.27 22.13 -10.03
C PRO B 29 43.17 22.50 -11.02
N ALA B 30 43.39 23.57 -11.79
CA ALA B 30 42.45 23.96 -12.83
C ALA B 30 42.32 22.83 -13.84
N GLY B 31 41.11 22.61 -14.33
CA GLY B 31 40.87 21.55 -15.30
C GLY B 31 39.74 20.62 -14.92
N SER B 32 39.82 19.38 -15.41
CA SER B 32 38.71 18.44 -15.32
C SER B 32 39.13 17.00 -14.97
N THR B 33 40.38 16.84 -14.53
CA THR B 33 40.81 15.57 -13.94
C THR B 33 40.02 15.35 -12.65
N PRO B 34 39.72 14.08 -12.30
CA PRO B 34 38.93 13.82 -11.10
C PRO B 34 39.64 14.31 -9.84
N PHE B 35 38.87 14.94 -8.94
CA PHE B 35 39.39 15.43 -7.67
C PHE B 35 38.45 14.95 -6.58
N VAL B 36 39.02 14.20 -5.63
CA VAL B 36 38.21 13.52 -4.61
C VAL B 36 38.62 13.99 -3.22
N ILE B 37 37.64 14.46 -2.46
CA ILE B 37 37.89 15.04 -1.15
C ILE B 37 37.17 14.23 -0.07
N LEU B 38 37.94 13.72 0.89
CA LEU B 38 37.36 13.08 2.07
C LEU B 38 37.03 14.13 3.13
N ILE B 39 35.81 14.08 3.64
CA ILE B 39 35.38 15.01 4.70
C ILE B 39 35.11 14.24 5.99
N LYS B 40 36.00 14.42 6.97
CA LYS B 40 35.87 13.75 8.26
C LYS B 40 34.68 14.31 9.04
N ASN B 41 34.14 13.49 9.95
CA ASN B 41 32.98 13.88 10.76
C ASN B 41 33.10 15.27 11.38
N GLY B 42 32.00 16.01 11.33
CA GLY B 42 31.95 17.35 11.89
C GLY B 42 30.88 18.16 11.17
N VAL B 43 30.49 19.27 11.79
CA VAL B 43 29.55 20.20 11.17
C VAL B 43 30.34 21.36 10.58
N TYR B 44 30.27 21.50 9.26
CA TYR B 44 31.01 22.53 8.55
C TYR B 44 30.04 23.63 8.12
N ASN B 45 30.14 24.77 8.79
CA ASN B 45 29.27 25.91 8.54
C ASN B 45 29.78 26.70 7.33
N GLU B 46 29.43 26.21 6.16
CA GLU B 46 29.93 26.73 4.90
C GLU B 46 28.84 26.74 3.84
N ARG B 47 28.96 27.69 2.93
CA ARG B 47 28.17 27.72 1.71
C ARG B 47 29.11 27.55 0.53
N LEU B 48 28.74 26.65 -0.37
CA LEU B 48 29.64 26.27 -1.46
C LEU B 48 28.98 26.43 -2.82
N THR B 49 29.74 26.95 -3.77
CA THR B 49 29.32 26.94 -5.17
C THR B 49 30.36 26.17 -5.97
N ILE B 50 29.95 25.03 -6.51
CA ILE B 50 30.84 24.13 -7.26
C ILE B 50 30.88 24.53 -8.73
N THR B 51 32.06 24.91 -9.20
CA THR B 51 32.23 25.32 -10.61
C THR B 51 33.28 24.47 -11.32
N ARG B 52 33.92 23.58 -10.58
CA ARG B 52 34.90 22.70 -11.19
C ARG B 52 34.29 21.35 -11.52
N ASN B 53 34.44 20.96 -12.79
CA ASN B 53 33.97 19.67 -13.27
C ASN B 53 34.70 18.51 -12.60
N ASN B 54 34.01 17.39 -12.46
CA ASN B 54 34.63 16.14 -12.01
C ASN B 54 35.13 16.23 -10.57
N LEU B 55 34.37 16.92 -9.73
CA LEU B 55 34.67 17.05 -8.30
C LEU B 55 33.81 16.07 -7.51
N HIS B 56 34.41 15.45 -6.50
CA HIS B 56 33.76 14.40 -5.73
C HIS B 56 34.03 14.51 -4.24
N LEU B 57 32.95 14.67 -3.46
CA LEU B 57 33.03 14.75 -2.01
C LEU B 57 32.58 13.45 -1.38
N LYS B 58 33.32 13.01 -0.37
CA LYS B 58 32.95 11.80 0.34
C LYS B 58 33.03 12.06 1.85
N GLY B 59 31.89 12.00 2.51
CA GLY B 59 31.85 12.18 3.96
C GLY B 59 32.24 10.90 4.70
N GLU B 60 32.79 11.07 5.90
CA GLU B 60 33.14 9.92 6.73
C GLU B 60 31.89 9.09 7.05
N SER B 61 30.77 9.79 7.25
CA SER B 61 29.48 9.13 7.47
C SER B 61 28.35 10.12 7.18
N ARG B 62 27.21 9.59 6.73
CA ARG B 62 26.03 10.44 6.49
C ARG B 62 25.56 11.10 7.79
N ASN B 63 25.56 10.34 8.89
CA ASN B 63 25.13 10.84 10.18
C ASN B 63 26.03 11.98 10.69
N GLY B 64 27.33 11.86 10.46
CA GLY B 64 28.33 12.71 11.13
C GLY B 64 29.03 13.80 10.32
N ALA B 65 29.02 13.68 8.99
CA ALA B 65 29.67 14.67 8.14
C ALA B 65 28.60 15.58 7.56
N VAL B 66 28.55 16.82 8.05
CA VAL B 66 27.45 17.75 7.76
C VAL B 66 27.97 19.06 7.18
N ILE B 67 27.36 19.49 6.08
CA ILE B 67 27.62 20.81 5.51
C ILE B 67 26.33 21.61 5.70
N ALA B 68 26.41 22.71 6.45
CA ALA B 68 25.22 23.45 6.86
C ALA B 68 25.40 24.97 6.89
N ALA B 69 24.34 25.67 6.51
CA ALA B 69 24.26 27.12 6.65
C ALA B 69 22.79 27.52 6.70
N ALA B 70 22.51 28.66 7.34
CA ALA B 70 21.14 29.15 7.47
C ALA B 70 20.94 30.38 6.59
N THR B 71 20.12 30.22 5.54
CA THR B 71 19.81 31.30 4.61
C THR B 71 18.43 31.10 4.01
N ALA B 72 17.53 32.08 4.23
CA ALA B 72 16.24 32.08 3.56
C ALA B 72 16.27 33.01 2.34
N ALA B 73 15.31 32.84 1.43
CA ALA B 73 15.19 33.72 0.29
C ALA B 73 15.04 35.17 0.75
N GLY B 74 14.34 35.36 1.87
CA GLY B 74 14.11 36.69 2.42
C GLY B 74 15.21 37.23 3.32
N THR B 75 16.26 36.44 3.54
CA THR B 75 17.43 36.90 4.30
C THR B 75 18.10 38.01 3.50
N LEU B 76 18.49 39.09 4.17
CA LEU B 76 19.04 40.24 3.48
C LEU B 76 20.56 40.19 3.39
N LYS B 77 21.08 40.55 2.21
CA LYS B 77 22.52 40.67 1.97
C LYS B 77 23.04 41.96 2.61
N SER B 78 24.33 42.22 2.43
CA SER B 78 24.97 43.45 2.91
C SER B 78 24.37 44.71 2.28
N ASP B 79 24.08 44.65 0.98
CA ASP B 79 23.48 45.77 0.26
C ASP B 79 21.98 45.97 0.56
N GLY B 80 21.41 45.06 1.37
CA GLY B 80 20.02 45.15 1.78
C GLY B 80 19.04 44.45 0.86
N SER B 81 19.56 43.80 -0.18
CA SER B 81 18.73 43.03 -1.10
C SER B 81 18.61 41.58 -0.61
N LYS B 82 17.52 40.93 -1.01
CA LYS B 82 17.23 39.55 -0.62
C LYS B 82 18.11 38.57 -1.39
N TRP B 83 18.45 37.46 -0.75
CA TRP B 83 19.19 36.39 -1.42
C TRP B 83 18.38 35.76 -2.55
N GLY B 84 17.08 35.63 -2.33
CA GLY B 84 16.21 34.95 -3.28
C GLY B 84 16.32 33.44 -3.13
N THR B 85 15.42 32.71 -3.77
CA THR B 85 15.36 31.26 -3.61
C THR B 85 16.65 30.57 -4.09
N ALA B 86 17.02 30.80 -5.35
CA ALA B 86 18.26 30.26 -5.89
C ALA B 86 19.45 30.64 -5.01
N GLY B 87 19.48 31.91 -4.61
CA GLY B 87 20.56 32.47 -3.81
C GLY B 87 20.65 31.98 -2.38
N SER B 88 19.59 31.34 -1.89
CA SER B 88 19.55 30.84 -0.50
C SER B 88 20.28 29.51 -0.29
N SER B 89 20.69 28.86 -1.38
CA SER B 89 21.20 27.49 -1.29
C SER B 89 22.48 27.35 -0.47
N THR B 90 22.54 26.30 0.34
CA THR B 90 23.76 25.96 1.08
C THR B 90 24.82 25.48 0.10
N ILE B 91 24.45 24.57 -0.78
CA ILE B 91 25.36 24.09 -1.83
C ILE B 91 24.73 24.30 -3.20
N THR B 92 25.50 24.92 -4.09
CA THR B 92 25.09 25.13 -5.46
C THR B 92 26.02 24.36 -6.40
N ILE B 93 25.44 23.47 -7.22
CA ILE B 93 26.23 22.69 -8.19
C ILE B 93 26.11 23.29 -9.59
N SER B 94 27.20 23.90 -10.06
CA SER B 94 27.23 24.54 -11.37
C SER B 94 28.40 24.00 -12.19
N ALA B 95 28.60 22.68 -12.10
CA ALA B 95 29.64 21.99 -12.85
C ALA B 95 29.15 20.58 -13.13
N LYS B 96 29.81 19.91 -14.07
CA LYS B 96 29.38 18.58 -14.50
C LYS B 96 30.10 17.48 -13.72
N ASP B 97 29.49 16.30 -13.69
CA ASP B 97 30.12 15.09 -13.10
C ASP B 97 30.52 15.28 -11.65
N PHE B 98 29.69 16.00 -10.91
CA PHE B 98 29.84 16.12 -9.47
C PHE B 98 29.27 14.88 -8.80
N SER B 99 29.91 14.44 -7.72
CA SER B 99 29.27 13.47 -6.82
C SER B 99 29.52 13.81 -5.36
N ALA B 100 28.53 13.46 -4.54
CA ALA B 100 28.67 13.51 -3.08
C ALA B 100 28.19 12.19 -2.52
N GLN B 101 28.92 11.66 -1.53
CA GLN B 101 28.56 10.40 -0.91
C GLN B 101 28.70 10.52 0.61
N SER B 102 27.79 9.87 1.34
CA SER B 102 27.89 9.69 2.78
C SER B 102 28.08 11.00 3.54
N LEU B 103 27.20 11.96 3.26
CA LEU B 103 27.21 13.25 3.97
C LEU B 103 25.83 13.87 4.00
N THR B 104 25.67 14.87 4.86
CA THR B 104 24.41 15.59 5.00
C THR B 104 24.61 17.03 4.55
N ILE B 105 23.62 17.56 3.83
CA ILE B 105 23.62 18.97 3.42
C ILE B 105 22.34 19.59 3.98
N ARG B 106 22.48 20.65 4.77
CA ARG B 106 21.33 21.28 5.41
C ARG B 106 21.23 22.76 5.09
N ASN B 107 19.99 23.25 4.96
CA ASN B 107 19.73 24.65 5.20
C ASN B 107 19.11 24.77 6.59
N ASP B 108 19.80 25.51 7.46
CA ASP B 108 19.44 25.61 8.87
C ASP B 108 18.47 26.75 9.19
N PHE B 109 17.92 27.39 8.15
CA PHE B 109 16.91 28.41 8.38
C PHE B 109 15.81 27.82 9.25
N ASP B 110 15.55 28.47 10.39
CA ASP B 110 14.61 27.93 11.36
C ASP B 110 13.18 28.33 11.00
N PHE B 111 12.62 27.63 10.01
CA PHE B 111 11.27 27.92 9.51
C PHE B 111 10.22 27.96 10.64
N PRO B 112 10.15 26.92 11.50
CA PRO B 112 9.14 26.95 12.57
C PRO B 112 9.29 28.14 13.52
N ALA B 113 10.53 28.49 13.90
CA ALA B 113 10.75 29.64 14.78
C ALA B 113 10.35 30.94 14.09
N ASN B 114 10.61 31.03 12.79
CA ASN B 114 10.17 32.17 11.98
C ASN B 114 8.65 32.32 11.98
N GLN B 115 7.95 31.22 11.74
CA GLN B 115 6.48 31.25 11.68
C GLN B 115 5.86 31.59 13.03
N ALA B 116 6.54 31.19 14.11
CA ALA B 116 6.06 31.43 15.47
C ALA B 116 6.21 32.88 15.90
N LYS B 117 6.99 33.66 15.15
CA LYS B 117 7.17 35.09 15.45
C LYS B 117 5.86 35.85 15.30
N SER B 118 5.71 36.90 16.10
CA SER B 118 4.55 37.77 16.02
C SER B 118 4.53 38.47 14.66
N ASP B 119 3.33 38.67 14.12
CA ASP B 119 3.17 39.30 12.80
C ASP B 119 3.83 40.69 12.69
N SER B 120 3.86 41.43 13.79
CA SER B 120 4.47 42.77 13.80
C SER B 120 6.00 42.77 13.93
N ASP B 121 6.58 41.59 14.19
CA ASP B 121 8.03 41.43 14.33
C ASP B 121 8.69 41.68 12.96
N SER B 122 9.50 42.74 12.88
CA SER B 122 10.15 43.12 11.62
C SER B 122 11.16 42.07 11.13
N SER B 123 11.55 41.14 12.01
CA SER B 123 12.50 40.09 11.66
C SER B 123 11.83 38.85 11.08
N LYS B 124 10.49 38.83 11.12
CA LYS B 124 9.72 37.73 10.57
C LYS B 124 9.74 37.77 9.04
N ILE B 125 10.32 36.73 8.44
CA ILE B 125 10.55 36.64 7.01
C ILE B 125 9.31 36.07 6.27
N LYS B 126 8.91 36.72 5.18
CA LYS B 126 7.81 36.21 4.36
C LYS B 126 8.29 35.25 3.28
N ASP B 127 9.46 35.54 2.72
CA ASP B 127 10.05 34.69 1.69
C ASP B 127 10.84 33.57 2.37
N THR B 128 10.11 32.51 2.72
CA THR B 128 10.60 31.46 3.62
C THR B 128 11.29 30.27 2.92
N GLN B 129 11.40 30.31 1.59
CA GLN B 129 12.17 29.25 0.92
C GLN B 129 13.62 29.29 1.37
N ALA B 130 14.19 28.11 1.59
CA ALA B 130 15.55 28.00 2.11
C ALA B 130 16.17 26.71 1.59
N VAL B 131 16.86 26.82 0.47
CA VAL B 131 17.36 25.67 -0.29
C VAL B 131 18.60 25.05 0.35
N ALA B 132 18.58 23.72 0.51
CA ALA B 132 19.74 22.98 0.97
C ALA B 132 20.70 22.71 -0.18
N LEU B 133 20.16 22.18 -1.28
CA LEU B 133 20.96 21.80 -2.45
C LEU B 133 20.30 22.30 -3.72
N TYR B 134 21.10 22.95 -4.56
CA TYR B 134 20.61 23.48 -5.82
C TYR B 134 21.50 22.97 -6.94
N VAL B 135 20.94 22.15 -7.82
CA VAL B 135 21.67 21.70 -9.01
C VAL B 135 21.19 22.58 -10.16
N THR B 136 22.09 23.39 -10.70
CA THR B 136 21.73 24.40 -11.70
C THR B 136 21.76 23.84 -13.13
N LYS B 137 21.39 24.68 -14.10
CA LYS B 137 21.43 24.28 -15.52
C LYS B 137 22.83 23.88 -15.99
N SER B 138 23.85 24.32 -15.26
CA SER B 138 25.25 24.03 -15.57
C SER B 138 25.77 22.76 -14.88
N GLY B 139 24.89 22.08 -14.16
CA GLY B 139 25.31 20.94 -13.40
C GLY B 139 24.85 19.57 -13.87
N ASP B 140 25.09 19.19 -15.11
CA ASP B 140 24.59 17.90 -15.59
C ASP B 140 25.39 16.72 -15.00
N ARG B 141 24.74 15.58 -14.83
CA ARG B 141 25.35 14.33 -14.33
C ARG B 141 25.86 14.48 -12.89
N ALA B 142 24.97 14.93 -12.00
CA ALA B 142 25.25 15.07 -10.57
C ALA B 142 24.70 13.88 -9.78
N TYR B 143 25.58 13.23 -9.01
CA TYR B 143 25.25 11.96 -8.36
C TYR B 143 25.36 12.08 -6.84
N PHE B 144 24.30 11.70 -6.14
CA PHE B 144 24.26 11.80 -4.68
C PHE B 144 23.90 10.43 -4.09
N LYS B 145 24.86 9.82 -3.41
CA LYS B 145 24.66 8.48 -2.85
C LYS B 145 24.80 8.49 -1.34
N ASP B 146 23.81 7.94 -0.64
CA ASP B 146 23.82 7.93 0.82
C ASP B 146 23.99 9.37 1.35
N VAL B 147 23.19 10.28 0.79
CA VAL B 147 23.22 11.69 1.18
C VAL B 147 21.89 12.04 1.83
N SER B 148 21.94 12.91 2.82
CA SER B 148 20.75 13.44 3.47
C SER B 148 20.63 14.92 3.16
N LEU B 149 19.44 15.34 2.71
CA LEU B 149 19.17 16.74 2.44
C LEU B 149 18.13 17.25 3.41
N VAL B 150 18.46 18.32 4.13
CA VAL B 150 17.61 18.82 5.21
C VAL B 150 17.09 20.24 4.94
N GLY B 151 15.78 20.41 5.05
CA GLY B 151 15.19 21.76 4.97
C GLY B 151 13.71 21.71 5.31
N TYR B 152 13.03 22.82 5.05
CA TYR B 152 11.58 22.86 5.15
C TYR B 152 11.02 23.22 3.77
N GLN B 153 10.85 24.50 3.49
CA GLN B 153 10.38 24.92 2.17
C GLN B 153 11.52 24.90 1.14
N ASP B 154 11.30 24.20 0.02
CA ASP B 154 12.24 24.21 -1.13
C ASP B 154 13.61 23.57 -0.86
N THR B 155 13.62 22.46 -0.11
CA THR B 155 14.88 21.81 0.28
C THR B 155 15.79 21.51 -0.90
N LEU B 156 15.24 20.87 -1.93
CA LEU B 156 16.04 20.46 -3.10
C LEU B 156 15.52 21.10 -4.38
N TYR B 157 16.41 21.87 -5.02
CA TYR B 157 16.11 22.58 -6.27
C TYR B 157 16.90 21.91 -7.38
N VAL B 158 16.22 21.15 -8.24
CA VAL B 158 16.88 20.45 -9.35
C VAL B 158 16.49 21.08 -10.69
N SER B 159 17.46 21.71 -11.34
CA SER B 159 17.21 22.41 -12.61
C SER B 159 18.11 21.89 -13.74
N GLY B 160 17.63 22.00 -14.98
CA GLY B 160 18.47 21.71 -16.15
C GLY B 160 18.64 20.25 -16.47
N GLY B 161 19.83 19.72 -16.15
CA GLY B 161 20.24 18.39 -16.62
C GLY B 161 19.80 17.23 -15.74
N ARG B 162 20.64 16.20 -15.71
CA ARG B 162 20.32 14.95 -15.04
C ARG B 162 21.00 14.84 -13.69
N SER B 163 20.23 14.43 -12.70
CA SER B 163 20.76 14.14 -11.38
C SER B 163 20.22 12.79 -10.91
N PHE B 164 20.98 12.13 -10.04
CA PHE B 164 20.58 10.83 -9.51
C PHE B 164 20.84 10.81 -8.02
N PHE B 165 19.80 10.46 -7.27
CA PHE B 165 19.85 10.38 -5.81
C PHE B 165 19.55 8.94 -5.40
N SER B 166 20.46 8.36 -4.63
CA SER B 166 20.42 6.93 -4.32
C SER B 166 20.65 6.70 -2.83
N ASP B 167 19.81 5.89 -2.20
CA ASP B 167 19.96 5.56 -0.76
C ASP B 167 19.96 6.83 0.07
N CYS B 168 19.02 7.72 -0.25
CA CYS B 168 19.06 9.07 0.25
C CYS B 168 17.94 9.36 1.25
N ARG B 169 18.11 10.44 2.01
CA ARG B 169 17.06 11.02 2.85
C ARG B 169 16.87 12.46 2.40
N ILE B 170 15.63 12.87 2.21
CA ILE B 170 15.30 14.24 1.87
C ILE B 170 14.09 14.64 2.71
N SER B 171 14.21 15.74 3.45
CA SER B 171 13.12 16.19 4.32
C SER B 171 12.65 17.60 3.94
N GLY B 172 11.39 17.88 4.23
CA GLY B 172 10.87 19.22 3.98
C GLY B 172 9.37 19.32 4.15
N THR B 173 8.83 20.46 3.75
CA THR B 173 7.43 20.76 3.88
C THR B 173 6.84 21.12 2.51
N VAL B 174 7.01 22.37 2.11
CA VAL B 174 6.40 22.88 0.89
C VAL B 174 7.37 22.80 -0.28
N ASP B 175 6.97 22.04 -1.32
CA ASP B 175 7.70 21.95 -2.58
C ASP B 175 9.16 21.56 -2.36
N PHE B 176 9.39 20.53 -1.54
CA PHE B 176 10.76 20.26 -1.09
C PHE B 176 11.66 19.53 -2.09
N ILE B 177 11.06 19.04 -3.18
CA ILE B 177 11.80 18.70 -4.40
C ILE B 177 11.12 19.47 -5.52
N PHE B 178 11.82 20.43 -6.14
CA PHE B 178 11.18 21.27 -7.15
C PHE B 178 12.15 21.66 -8.26
N GLY B 179 11.60 22.04 -9.41
CA GLY B 179 12.43 22.43 -10.54
C GLY B 179 12.20 21.63 -11.81
N ASP B 180 13.00 21.96 -12.83
CA ASP B 180 12.76 21.51 -14.19
C ASP B 180 13.75 20.43 -14.63
N GLY B 181 14.63 19.99 -13.73
CA GLY B 181 15.63 18.99 -14.07
C GLY B 181 15.07 17.60 -14.28
N THR B 182 15.89 16.72 -14.84
CA THR B 182 15.61 15.28 -14.84
C THR B 182 16.27 14.73 -13.59
N ALA B 183 15.45 14.38 -12.59
CA ALA B 183 15.99 13.94 -11.31
C ALA B 183 15.40 12.61 -10.93
N LEU B 184 16.25 11.60 -10.82
CA LEU B 184 15.84 10.24 -10.49
C LEU B 184 16.23 9.95 -9.04
N PHE B 185 15.26 9.41 -8.28
CA PHE B 185 15.46 9.10 -6.87
C PHE B 185 15.18 7.62 -6.68
N ASN B 186 16.19 6.88 -6.23
CA ASN B 186 16.01 5.45 -5.96
C ASN B 186 16.36 5.07 -4.54
N ASN B 187 15.48 4.29 -3.91
CA ASN B 187 15.66 3.84 -2.53
C ASN B 187 15.90 5.00 -1.57
N CYS B 188 15.08 6.04 -1.70
CA CYS B 188 15.17 7.21 -0.85
C CYS B 188 14.04 7.25 0.18
N ASP B 189 14.30 7.89 1.31
CA ASP B 189 13.26 8.24 2.28
C ASP B 189 12.91 9.69 2.06
N LEU B 190 11.66 9.97 1.69
CA LEU B 190 11.18 11.33 1.52
C LEU B 190 10.31 11.68 2.72
N VAL B 191 10.81 12.59 3.54
CA VAL B 191 10.26 12.82 4.89
C VAL B 191 9.47 14.13 4.95
N SER B 192 8.15 13.99 5.10
CA SER B 192 7.24 15.12 5.26
C SER B 192 7.23 15.60 6.70
N ARG B 193 7.51 16.89 6.90
CA ARG B 193 7.73 17.43 8.23
C ARG B 193 6.49 18.06 8.87
N TYR B 194 6.49 18.06 10.21
CA TYR B 194 5.40 18.65 10.99
C TYR B 194 5.34 20.17 10.83
N ARG B 195 4.13 20.70 10.63
CA ARG B 195 3.88 22.13 10.57
C ARG B 195 3.08 22.61 11.76
N ALA B 196 3.74 23.25 12.73
CA ALA B 196 3.05 23.79 13.91
C ALA B 196 2.16 24.98 13.56
N ASP B 197 2.45 25.62 12.42
CA ASP B 197 1.77 26.83 12.01
C ASP B 197 0.55 26.62 11.10
N VAL B 198 0.24 25.36 10.80
CA VAL B 198 -0.87 25.01 9.91
C VAL B 198 -2.06 24.46 10.70
N LYS B 199 -3.23 25.07 10.49
CA LYS B 199 -4.45 24.67 11.19
C LYS B 199 -4.90 23.29 10.78
N SER B 200 -5.53 22.56 11.71
CA SER B 200 -6.10 21.26 11.42
C SER B 200 -7.03 21.35 10.21
N GLY B 201 -6.78 20.51 9.22
CA GLY B 201 -7.63 20.45 8.03
C GLY B 201 -7.09 21.22 6.83
N ASN B 202 -6.03 22.00 7.06
CA ASN B 202 -5.33 22.69 5.97
C ASN B 202 -4.09 21.89 5.55
N VAL B 203 -3.54 22.23 4.39
CA VAL B 203 -2.42 21.46 3.81
C VAL B 203 -1.09 21.86 4.45
N SER B 204 -0.31 20.85 4.86
CA SER B 204 1.00 21.07 5.44
C SER B 204 2.12 21.23 4.41
N GLY B 205 1.99 20.55 3.27
CA GLY B 205 3.03 20.66 2.25
C GLY B 205 2.81 19.83 1.01
N TYR B 206 3.85 19.81 0.17
CA TYR B 206 3.84 19.11 -1.11
C TYR B 206 5.24 18.55 -1.34
N LEU B 207 5.32 17.25 -1.60
CA LEU B 207 6.62 16.62 -1.82
C LEU B 207 7.35 17.24 -3.01
N THR B 208 6.63 17.45 -4.11
CA THR B 208 7.25 17.89 -5.35
C THR B 208 6.52 19.08 -5.97
N ALA B 209 7.29 19.88 -6.70
CA ALA B 209 6.72 20.95 -7.52
C ALA B 209 7.55 21.04 -8.79
N PRO B 210 7.31 20.09 -9.72
CA PRO B 210 8.08 20.03 -10.96
C PRO B 210 7.69 21.17 -11.90
N SER B 211 8.70 21.72 -12.60
CA SER B 211 8.50 22.75 -13.62
C SER B 211 8.98 22.28 -14.99
N THR B 212 9.05 20.96 -15.15
CA THR B 212 9.58 20.28 -16.34
C THR B 212 8.95 20.86 -17.60
N ASN B 213 9.78 21.30 -18.53
CA ASN B 213 9.26 21.76 -19.82
C ASN B 213 8.52 20.63 -20.53
N ILE B 214 7.43 20.96 -21.19
CA ILE B 214 6.56 19.96 -21.85
C ILE B 214 7.31 19.08 -22.87
N ASN B 215 8.35 19.62 -23.49
CA ASN B 215 9.13 18.89 -24.50
C ASN B 215 10.25 18.03 -23.89
N GLN B 216 10.45 18.15 -22.60
CA GLN B 216 11.41 17.32 -21.88
C GLN B 216 10.74 16.02 -21.43
N LYS B 217 11.33 14.89 -21.79
CA LYS B 217 10.74 13.57 -21.58
C LYS B 217 10.58 13.21 -20.10
N TYR B 218 11.62 13.47 -19.31
CA TYR B 218 11.59 13.11 -17.89
C TYR B 218 11.82 14.28 -16.94
N GLY B 219 11.00 14.32 -15.89
CA GLY B 219 11.15 15.32 -14.81
C GLY B 219 11.60 14.63 -13.54
N LEU B 220 10.74 14.65 -12.53
CA LEU B 220 11.07 14.02 -11.25
C LEU B 220 10.54 12.60 -11.23
N VAL B 221 11.45 11.62 -11.08
CA VAL B 221 11.06 10.21 -11.10
C VAL B 221 11.53 9.56 -9.81
N ILE B 222 10.58 9.05 -9.04
CA ILE B 222 10.85 8.47 -7.72
C ILE B 222 10.56 6.97 -7.76
N THR B 223 11.58 6.16 -7.50
CA THR B 223 11.49 4.71 -7.61
C THR B 223 11.91 4.00 -6.34
N ASN B 224 11.18 2.92 -6.00
CA ASN B 224 11.58 2.02 -4.91
C ASN B 224 11.89 2.77 -3.61
N SER B 225 11.06 3.75 -3.30
CA SER B 225 11.34 4.68 -2.22
C SER B 225 10.27 4.61 -1.14
N ARG B 226 10.42 5.43 -0.11
CA ARG B 226 9.49 5.47 1.00
C ARG B 226 9.10 6.92 1.28
N VAL B 227 7.80 7.17 1.20
CA VAL B 227 7.21 8.48 1.46
C VAL B 227 6.64 8.43 2.87
N ILE B 228 7.33 9.08 3.80
CA ILE B 228 7.06 8.90 5.23
C ILE B 228 6.83 10.21 5.99
N ARG B 229 6.10 10.11 7.09
CA ARG B 229 5.90 11.23 8.00
C ARG B 229 7.06 11.33 9.00
N GLU B 230 7.42 12.56 9.33
CA GLU B 230 8.46 12.85 10.29
C GLU B 230 8.08 12.40 11.70
N SER B 231 6.78 12.50 12.00
CA SER B 231 6.25 12.15 13.32
C SER B 231 4.74 11.86 13.20
N ASP B 232 4.20 11.23 14.24
CA ASP B 232 2.76 10.95 14.33
C ASP B 232 1.91 12.22 14.41
N SER B 233 2.54 13.36 14.65
CA SER B 233 1.83 14.63 14.68
C SER B 233 1.55 15.19 13.29
N VAL B 234 2.22 14.65 12.27
CA VAL B 234 1.89 14.99 10.88
C VAL B 234 0.54 14.32 10.56
N PRO B 235 -0.53 15.14 10.37
CA PRO B 235 -1.87 14.59 10.20
C PRO B 235 -2.05 13.74 8.95
N ALA B 236 -3.03 12.83 9.00
CA ALA B 236 -3.46 12.12 7.80
C ALA B 236 -3.95 13.13 6.78
N LYS B 237 -3.70 12.84 5.50
CA LYS B 237 -4.18 13.67 4.37
C LYS B 237 -3.77 15.15 4.49
N SER B 238 -2.50 15.37 4.85
CA SER B 238 -1.96 16.72 5.01
C SER B 238 -0.93 17.10 3.94
N TYR B 239 -0.51 16.12 3.13
CA TYR B 239 0.55 16.32 2.15
C TYR B 239 0.18 15.90 0.74
N GLY B 240 0.47 16.78 -0.22
CA GLY B 240 0.30 16.45 -1.63
C GLY B 240 1.54 15.79 -2.20
N LEU B 241 1.35 14.87 -3.14
CA LEU B 241 2.47 14.26 -3.87
C LEU B 241 3.18 15.27 -4.77
N GLY B 242 2.42 16.23 -5.28
CA GLY B 242 2.98 17.25 -6.15
C GLY B 242 1.95 18.30 -6.52
N ARG B 243 2.44 19.48 -6.87
CA ARG B 243 1.63 20.51 -7.51
C ARG B 243 2.45 21.13 -8.66
N PRO B 244 1.77 21.65 -9.70
CA PRO B 244 2.50 22.08 -10.89
C PRO B 244 3.10 23.48 -10.78
N TRP B 245 4.43 23.53 -10.70
CA TRP B 245 5.13 24.82 -10.64
C TRP B 245 5.37 25.36 -12.05
N HIS B 246 4.76 26.50 -12.34
CA HIS B 246 5.00 27.24 -13.59
C HIS B 246 5.76 28.50 -13.22
N PRO B 247 7.11 28.45 -13.28
CA PRO B 247 7.94 29.53 -12.72
C PRO B 247 7.72 30.85 -13.43
N THR B 248 7.73 31.94 -12.67
CA THR B 248 7.78 33.28 -13.23
C THR B 248 9.02 33.34 -14.12
N THR B 249 8.81 33.72 -15.37
CA THR B 249 9.84 33.63 -16.42
C THR B 249 9.72 34.85 -17.32
N THR B 250 10.87 35.39 -17.73
CA THR B 250 10.90 36.53 -18.65
C THR B 250 10.72 36.11 -20.11
N PHE B 251 9.67 36.63 -20.73
CA PHE B 251 9.39 36.41 -22.14
C PHE B 251 9.37 37.75 -22.88
N SER B 252 9.33 37.67 -24.21
CA SER B 252 9.30 38.89 -25.03
C SER B 252 8.06 39.75 -24.71
N ASP B 253 6.98 39.12 -24.26
CA ASP B 253 5.77 39.86 -23.91
C ASP B 253 5.53 40.05 -22.41
N GLY B 254 6.59 39.95 -21.61
CA GLY B 254 6.50 40.21 -20.17
C GLY B 254 7.01 39.08 -19.30
N ARG B 255 6.88 39.26 -17.98
CA ARG B 255 7.39 38.30 -16.99
C ARG B 255 6.23 37.68 -16.21
N TYR B 256 6.02 36.38 -16.40
CA TYR B 256 4.84 35.70 -15.86
C TYR B 256 5.03 34.18 -15.82
N ALA B 257 4.06 33.47 -15.24
CA ALA B 257 4.15 32.03 -15.07
C ALA B 257 4.29 31.30 -16.41
N ASP B 258 5.35 30.51 -16.56
CA ASP B 258 5.67 29.81 -17.81
C ASP B 258 4.56 28.81 -18.19
N PRO B 259 3.84 29.07 -19.32
CA PRO B 259 2.74 28.15 -19.69
C PRO B 259 3.19 26.74 -20.05
N ASN B 260 4.42 26.61 -20.54
CA ASN B 260 4.97 25.35 -21.05
C ASN B 260 5.73 24.53 -20.01
N ALA B 261 5.81 25.06 -18.80
CA ALA B 261 6.40 24.34 -17.68
C ALA B 261 5.32 23.44 -17.08
N ILE B 262 5.06 22.33 -17.78
CA ILE B 262 4.02 21.38 -17.40
C ILE B 262 4.71 20.18 -16.75
N GLY B 263 4.84 20.27 -15.43
CA GLY B 263 5.74 19.38 -14.68
C GLY B 263 5.38 17.91 -14.67
N GLN B 264 6.42 17.07 -14.55
CA GLN B 264 6.26 15.63 -14.41
C GLN B 264 6.78 15.19 -13.05
N THR B 265 5.95 14.44 -12.33
CA THR B 265 6.38 13.66 -11.17
C THR B 265 5.77 12.28 -11.32
N VAL B 266 6.60 11.25 -11.32
CA VAL B 266 6.14 9.87 -11.41
C VAL B 266 6.71 9.07 -10.25
N PHE B 267 5.82 8.40 -9.51
CA PHE B 267 6.20 7.49 -8.43
C PHE B 267 6.04 6.05 -8.92
N LEU B 268 7.10 5.25 -8.79
CA LEU B 268 7.02 3.83 -9.12
C LEU B 268 7.45 2.99 -7.93
N ASN B 269 6.65 1.97 -7.61
CA ASN B 269 6.98 1.01 -6.54
C ASN B 269 7.41 1.68 -5.23
N THR B 270 6.62 2.67 -4.81
CA THR B 270 6.97 3.50 -3.66
C THR B 270 5.91 3.41 -2.56
N SER B 271 6.36 3.25 -1.32
CA SER B 271 5.47 3.20 -0.18
C SER B 271 5.06 4.61 0.24
N MET B 272 3.82 4.74 0.70
CA MET B 272 3.27 6.04 1.10
C MET B 272 2.44 5.89 2.37
N ASP B 273 2.77 6.66 3.40
CA ASP B 273 1.92 6.71 4.60
C ASP B 273 0.69 7.57 4.36
N ASN B 274 -0.26 7.51 5.28
CA ASN B 274 -1.54 8.17 5.05
C ASN B 274 -1.56 9.69 5.21
N HIS B 275 -0.39 10.31 5.42
CA HIS B 275 -0.30 11.78 5.36
C HIS B 275 -0.55 12.29 3.93
N ILE B 276 -0.36 11.40 2.95
CA ILE B 276 -0.60 11.71 1.54
C ILE B 276 -2.08 11.70 1.20
N TYR B 277 -2.57 12.76 0.56
CA TYR B 277 -3.97 12.81 0.09
C TYR B 277 -4.11 12.66 -1.43
N GLY B 278 -3.02 12.86 -2.16
CA GLY B 278 -3.03 12.85 -3.63
C GLY B 278 -2.27 14.03 -4.21
N TRP B 279 -2.69 14.46 -5.40
CA TRP B 279 -2.07 15.58 -6.10
C TRP B 279 -2.80 16.89 -5.79
N ASP B 280 -2.23 18.03 -6.20
CA ASP B 280 -2.87 19.32 -5.96
C ASP B 280 -2.58 20.34 -7.06
N LYS B 281 -3.32 21.45 -7.02
CA LYS B 281 -3.14 22.55 -7.95
C LYS B 281 -2.15 23.57 -7.38
N MET B 282 -1.75 24.53 -8.21
CA MET B 282 -0.87 25.61 -7.81
C MET B 282 -1.20 26.83 -8.64
N SER B 283 -1.03 28.01 -8.03
CA SER B 283 -1.34 29.27 -8.71
C SER B 283 -0.08 30.05 -9.08
N GLY B 284 -0.24 30.88 -10.11
CA GLY B 284 0.79 31.81 -10.52
C GLY B 284 0.12 33.07 -11.06
N LYS B 285 0.92 33.94 -11.68
CA LYS B 285 0.40 35.16 -12.31
C LYS B 285 0.57 35.04 -13.81
N ASP B 286 -0.49 35.34 -14.55
CA ASP B 286 -0.43 35.22 -16.01
C ASP B 286 0.10 36.50 -16.66
N LYS B 287 0.11 36.52 -17.99
CA LYS B 287 0.69 37.62 -18.77
C LYS B 287 -0.02 38.97 -18.58
N ASN B 288 -1.21 38.92 -18.00
CA ASN B 288 -2.02 40.11 -17.73
C ASN B 288 -1.97 40.56 -16.27
N GLY B 289 -1.28 39.78 -15.44
CA GLY B 289 -1.17 40.08 -14.00
C GLY B 289 -2.27 39.45 -13.17
N ASN B 290 -3.10 38.61 -13.80
CA ASN B 290 -4.17 37.91 -13.09
C ASN B 290 -3.70 36.59 -12.49
N THR B 291 -4.36 36.20 -11.40
CA THR B 291 -4.20 34.87 -10.83
C THR B 291 -4.58 33.83 -11.87
N ILE B 292 -3.71 32.82 -12.01
CA ILE B 292 -3.98 31.68 -12.88
C ILE B 292 -3.69 30.38 -12.12
N TRP B 293 -4.60 29.42 -12.22
CA TRP B 293 -4.43 28.13 -11.56
C TRP B 293 -4.00 27.06 -12.53
N PHE B 294 -3.02 26.26 -12.10
CA PHE B 294 -2.55 25.11 -12.88
C PHE B 294 -2.95 23.82 -12.18
N ASN B 295 -3.65 22.95 -12.89
CA ASN B 295 -4.31 21.81 -12.28
C ASN B 295 -3.53 20.50 -12.44
N PRO B 296 -3.64 19.60 -11.43
CA PRO B 296 -2.90 18.34 -11.52
C PRO B 296 -3.32 17.46 -12.70
N GLU B 297 -4.61 17.46 -13.05
CA GLU B 297 -5.10 16.66 -14.18
C GLU B 297 -4.50 17.09 -15.53
N ASP B 298 -4.03 18.33 -15.61
CA ASP B 298 -3.37 18.86 -16.82
C ASP B 298 -1.85 18.70 -16.77
N SER B 299 -1.34 18.13 -15.68
CA SER B 299 0.09 17.94 -15.49
C SER B 299 0.47 16.46 -15.63
N ARG B 300 1.77 16.19 -15.69
CA ARG B 300 2.24 14.82 -15.89
C ARG B 300 2.50 14.12 -14.57
N PHE B 301 1.41 13.86 -13.84
CA PHE B 301 1.45 13.29 -12.50
C PHE B 301 0.93 11.85 -12.53
N PHE B 302 1.80 10.89 -12.26
CA PHE B 302 1.45 9.46 -12.34
C PHE B 302 2.05 8.64 -11.21
N GLU B 303 1.41 7.52 -10.93
CA GLU B 303 1.94 6.51 -10.02
C GLU B 303 1.94 5.15 -10.69
N TYR B 304 2.78 4.26 -10.18
CA TYR B 304 2.78 2.86 -10.57
C TYR B 304 3.04 2.02 -9.32
N LYS B 305 2.06 1.18 -8.97
CA LYS B 305 2.16 0.26 -7.85
C LYS B 305 2.65 0.89 -6.54
N SER B 306 2.07 2.04 -6.20
CA SER B 306 2.27 2.60 -4.86
C SER B 306 1.65 1.64 -3.84
N TYR B 307 2.20 1.63 -2.62
CA TYR B 307 1.61 0.84 -1.54
C TYR B 307 1.66 1.62 -0.23
N GLY B 308 1.09 1.04 0.82
CA GLY B 308 0.94 1.74 2.10
C GLY B 308 -0.38 2.49 2.17
N ALA B 309 -0.65 3.08 3.34
CA ALA B 309 -1.96 3.69 3.61
C ALA B 309 -2.27 4.94 2.78
N GLY B 310 -1.23 5.59 2.28
CA GLY B 310 -1.41 6.78 1.44
C GLY B 310 -1.58 6.45 -0.04
N ALA B 311 -1.58 5.16 -0.36
CA ALA B 311 -1.68 4.71 -1.75
C ALA B 311 -3.09 4.31 -2.13
N THR B 312 -3.87 5.24 -2.61
CA THR B 312 -5.20 4.96 -3.13
C THR B 312 -5.15 5.09 -4.64
N VAL B 313 -5.98 4.28 -5.25
CA VAL B 313 -6.15 4.37 -6.67
C VAL B 313 -7.55 4.92 -6.94
N SER B 314 -7.60 6.03 -7.68
CA SER B 314 -8.84 6.71 -8.00
C SER B 314 -8.65 7.48 -9.31
N LYS B 315 -9.74 8.04 -9.83
CA LYS B 315 -9.69 8.84 -11.07
C LYS B 315 -8.76 10.06 -10.97
N ASP B 316 -8.59 10.56 -9.74
CA ASP B 316 -7.72 11.72 -9.48
C ASP B 316 -6.26 11.31 -9.27
N ARG B 317 -6.00 10.01 -9.30
CA ARG B 317 -4.63 9.51 -9.20
C ARG B 317 -4.34 8.52 -10.30
N ARG B 318 -3.88 9.06 -11.44
CA ARG B 318 -3.64 8.27 -12.64
C ARG B 318 -2.53 7.24 -12.46
N GLN B 319 -2.72 6.08 -13.06
CA GLN B 319 -1.80 4.96 -12.92
C GLN B 319 -1.17 4.64 -14.27
N LEU B 320 0.12 4.31 -14.25
CA LEU B 320 0.80 3.80 -15.44
C LEU B 320 0.42 2.34 -15.68
N THR B 321 0.33 1.97 -16.95
CA THR B 321 0.27 0.56 -17.34
C THR B 321 1.66 -0.06 -17.14
N ASP B 322 1.74 -1.39 -17.16
CA ASP B 322 3.02 -2.09 -17.07
C ASP B 322 3.97 -1.63 -18.18
N ALA B 323 3.45 -1.47 -19.40
CA ALA B 323 4.23 -1.04 -20.56
C ALA B 323 4.79 0.37 -20.36
N GLN B 324 3.95 1.27 -19.85
CA GLN B 324 4.35 2.64 -19.54
C GLN B 324 5.41 2.70 -18.43
N ALA B 325 5.27 1.84 -17.42
CA ALA B 325 6.23 1.76 -16.32
C ALA B 325 7.63 1.39 -16.80
N ALA B 326 7.70 0.57 -17.85
CA ALA B 326 8.97 0.15 -18.44
C ALA B 326 9.79 1.31 -19.01
N GLU B 327 9.13 2.44 -19.23
CA GLU B 327 9.78 3.64 -19.76
C GLU B 327 10.53 4.44 -18.68
N TYR B 328 10.40 4.02 -17.43
CA TYR B 328 10.99 4.76 -16.31
C TYR B 328 12.10 3.99 -15.58
N THR B 329 12.81 3.14 -16.32
CA THR B 329 14.02 2.49 -15.81
C THR B 329 15.14 3.51 -15.69
N GLN B 330 16.12 3.23 -14.84
CA GLN B 330 17.30 4.09 -14.72
C GLN B 330 17.94 4.34 -16.09
N SER B 331 18.07 3.28 -16.89
CA SER B 331 18.65 3.37 -18.23
C SER B 331 17.94 4.38 -19.11
N LYS B 332 16.61 4.35 -19.11
CA LYS B 332 15.83 5.28 -19.93
C LYS B 332 15.84 6.71 -19.41
N VAL B 333 15.73 6.86 -18.09
CA VAL B 333 15.62 8.19 -17.49
C VAL B 333 16.95 8.97 -17.59
N LEU B 334 18.06 8.27 -17.37
CA LEU B 334 19.38 8.91 -17.36
C LEU B 334 20.13 8.85 -18.69
N GLY B 335 19.56 8.15 -19.66
CA GLY B 335 20.15 8.02 -21.00
C GLY B 335 21.53 7.41 -20.99
N ASP B 336 22.47 8.09 -21.64
CA ASP B 336 23.83 7.56 -21.81
C ASP B 336 24.72 7.70 -20.57
N TRP B 337 24.18 8.28 -19.50
CA TRP B 337 24.93 8.47 -18.26
C TRP B 337 24.70 7.35 -17.27
N THR B 338 25.79 6.69 -16.88
CA THR B 338 25.78 5.71 -15.80
C THR B 338 26.48 6.34 -14.60
N PRO B 339 25.71 6.74 -13.57
CA PRO B 339 26.31 7.34 -12.38
C PRO B 339 27.29 6.39 -11.71
N THR B 340 28.52 6.86 -11.48
CA THR B 340 29.54 6.06 -10.81
C THR B 340 30.30 6.93 -9.81
N LEU B 341 30.81 6.30 -8.75
CA LEU B 341 31.61 6.98 -7.76
C LEU B 341 33.11 6.73 -8.01
N PRO B 342 33.97 7.64 -7.54
CA PRO B 342 35.43 7.50 -7.76
C PRO B 342 35.99 6.22 -7.15
C1 ADA C . -18.65 -12.43 18.10
C2 ADA C . -19.83 -13.26 17.58
C3 ADA C . -20.43 -14.18 18.64
C4 ADA C . -19.33 -14.97 19.37
C5 ADA C . -18.23 -14.04 19.88
C6 ADA C . -17.13 -14.82 20.52
O1 ADA C . -19.11 -11.40 18.99
O2 ADA C . -20.84 -12.36 17.10
O3 ADA C . -21.38 -15.08 18.05
O4 ADA C . -18.73 -15.93 18.50
O5 ADA C . -17.70 -13.27 18.78
O6B ADA C . -17.43 -15.72 21.35
O6A ADA C . -15.94 -14.54 20.23
C1 ADA C . -19.22 -17.27 18.29
C2 ADA C . -18.62 -18.37 19.14
C3 ADA C . -17.16 -18.58 18.75
C4 ADA C . -17.04 -18.81 17.23
C5 ADA C . -17.66 -17.62 16.49
C6 ADA C . -17.61 -17.75 14.98
O2 ADA C . -18.72 -18.01 20.53
O3 ADA C . -16.63 -19.69 19.49
O4 ADA C . -17.74 -20.00 16.87
O5 ADA C . -19.04 -17.52 16.89
O6B ADA C . -16.55 -18.08 14.41
O6A ADA C . -18.66 -17.47 14.35
C1 ADA C . -17.07 -21.10 16.24
C2 ADA C . -18.13 -21.97 15.54
C3 ADA C . -19.00 -22.67 16.57
C4 ADA C . -18.13 -23.44 17.57
C5 ADA C . -17.13 -22.49 18.22
C6 ADA C . -16.24 -23.23 19.19
O2 ADA C . -18.94 -21.20 14.66
O3 ADA C . -19.93 -23.54 15.90
O4 ADA C . -17.41 -24.49 16.91
O5 ADA C . -16.33 -21.85 17.21
O6B ADA C . -16.79 -23.91 20.08
O6A ADA C . -15.01 -23.11 19.06
C1 ADA C . -17.59 -25.85 17.35
C2 ADA C . -16.40 -26.75 16.98
C3 ADA C . -16.34 -26.93 15.45
C4 ADA C . -17.69 -27.38 14.91
C5 ADA C . -18.81 -26.45 15.36
C6 ADA C . -20.15 -26.98 14.90
O2 ADA C . -15.21 -26.14 17.45
O3 ADA C . -15.32 -27.88 15.11
O4 ADA C . -18.00 -28.70 15.39
O5 ADA C . -18.81 -26.35 16.79
O6B ADA C . -21.01 -27.25 15.76
O6A ADA C . -20.33 -27.14 13.67
C1 M8C C . -18.62 -29.87 14.81
C2 M8C C . -19.14 -30.93 15.76
C3 M8C C . -17.97 -31.60 16.48
O4 M8C C . -17.39 -33.23 14.78
C5 M8C C . -16.51 -30.98 14.53
C6 M8C C . -15.57 -31.46 13.46
O6A M8C C . -15.90 -31.41 12.29
O6B M8C C . -14.26 -32.01 13.81
CH3 M8C C . -13.10 -31.70 13.03
O5 M8C C . -17.66 -30.43 13.89
C4 M8C C . -16.91 -32.09 15.50
O3 M8C C . -18.46 -32.68 17.29
O2 M8C C . -20.03 -30.33 16.72
C1 M8C C . -16.68 -34.45 15.04
C2 M8C C . -15.66 -35.37 14.35
C3 M8C C . -16.32 -36.64 13.84
O4 M8C C . -16.38 -37.88 15.92
C5 M8C C . -18.16 -36.27 15.50
C6 M8C C . -19.02 -36.90 16.58
O6A M8C C . -19.91 -37.68 16.26
O6B M8C C . -18.79 -36.57 17.98
CH3 M8C C . -19.89 -36.37 18.88
O5 M8C C . -17.41 -35.18 16.05
C4 M8C C . -17.20 -37.30 14.89
O3 M8C C . -15.32 -37.57 13.39
O2 M8C C . -15.04 -34.66 13.27
C1 ADA D . 2.47 27.76 0.03
C2 ADA D . 3.82 28.34 0.45
C3 ADA D . 3.90 29.83 0.15
C4 ADA D . 3.48 30.16 -1.29
C5 ADA D . 2.13 29.51 -1.64
C6 ADA D . 1.81 29.70 -3.11
O1 ADA D . 1.45 28.26 0.91
O2 ADA D . 3.99 28.14 1.86
O3 ADA D . 5.22 30.31 0.42
O4 ADA D . 4.46 29.70 -2.23
O5 ADA D . 2.16 28.10 -1.33
O6B ADA D . 1.88 30.85 -3.60
O6A ADA D . 1.48 28.70 -3.77
C1 ADA D . 5.60 30.43 -2.67
C2 ADA D . 5.47 31.20 -3.98
C3 ADA D . 5.39 30.20 -5.15
C4 ADA D . 6.57 29.23 -5.10
C5 ADA D . 6.58 28.50 -3.74
C6 ADA D . 7.72 27.54 -3.57
O2 ADA D . 4.29 32.02 -3.95
O3 ADA D . 5.31 30.91 -6.39
O4 ADA D . 7.80 29.97 -5.24
O5 ADA D . 6.70 29.51 -2.73
O6B ADA D . 7.94 26.66 -4.44
O6A ADA D . 8.40 27.63 -2.53
C1 ADA D . 8.72 29.67 -6.30
C2 ADA D . 10.11 30.21 -5.95
C3 ADA D . 10.10 31.74 -5.95
C4 ADA D . 9.54 32.26 -7.27
C5 ADA D . 8.15 31.66 -7.53
C6 ADA D . 7.63 32.14 -8.86
O2 ADA D . 10.53 29.73 -4.67
O3 ADA D . 11.43 32.21 -5.73
O4 ADA D . 10.40 31.93 -8.37
O5 ADA D . 8.22 30.23 -7.52
O6B ADA D . 7.55 33.37 -9.05
O6A ADA D . 7.28 31.28 -9.71
C1 ADA D . 11.10 32.90 -9.16
C2 ADA D . 11.49 32.36 -10.54
C3 ADA D . 12.59 31.31 -10.42
C4 ADA D . 13.75 31.83 -9.58
C5 ADA D . 13.24 32.28 -8.21
C6 ADA D . 14.37 32.83 -7.36
O2 ADA D . 10.34 31.78 -11.17
O3 ADA D . 13.05 30.94 -11.74
O4 ADA D . 14.37 32.94 -10.22
O5 ADA D . 12.24 33.29 -8.38
O6B ADA D . 14.25 33.96 -6.85
O6A ADA D . 15.39 32.12 -7.20
C1 M8C D . 15.73 33.39 -10.39
C2 M8C D . 15.94 34.84 -10.82
C3 M8C D . 15.43 35.03 -12.25
O4 M8C D . 17.48 34.29 -13.31
C5 M8C D . 15.88 32.58 -12.66
C6 M8C D . 16.60 31.58 -13.52
O6A M8C D . 17.69 31.14 -13.19
O6B M8C D . 16.00 31.13 -14.77
CH3 M8C D . 15.87 29.73 -15.04
O5 M8C D . 16.38 32.50 -11.31
C4 M8C D . 16.09 34.00 -13.19
O3 M8C D . 15.71 36.36 -12.69
O2 M8C D . 15.25 35.74 -9.94
C1 M8C D . 18.47 34.51 -14.33
C2 M8C D . 19.97 34.21 -14.24
C3 M8C D . 20.71 35.34 -13.52
O4 M8C D . 20.92 36.97 -15.31
C5 M8C D . 18.80 36.88 -14.13
C6 M8C D . 18.40 38.19 -14.75
O6A M8C D . 18.64 39.25 -14.19
O6B M8C D . 17.71 38.22 -16.03
CH3 M8C D . 18.45 38.31 -17.26
O5 M8C D . 18.25 35.80 -14.90
C4 M8C D . 20.32 36.73 -14.04
O3 M8C D . 22.12 35.13 -13.66
O2 M8C D . 20.17 32.98 -13.55
#